data_5ZO7
#
_entry.id   5ZO7
#
_cell.length_a   158.347
_cell.length_b   50.580
_cell.length_c   93.689
_cell.angle_alpha   90.00
_cell.angle_beta   102.20
_cell.angle_gamma   90.00
#
_symmetry.space_group_name_H-M   'C 1 2 1'
#
loop_
_entity.id
_entity.type
_entity.pdbx_description
1 polymer 'Kinesin-like protein KIF11'
2 non-polymer "ADENOSINE-5'-DIPHOSPHATE"
3 non-polymer 'MAGNESIUM ION'
4 non-polymer '(2R)-2-azanyl-3-[[2-(4-methoxyphenyl)-2-tricyclo[9.4.0.0^{3,8}]pentadeca-1(11),3,5,7,12,14-hexaenyl]sulfanyl]propanoic acid'
5 non-polymer 'SULFATE ION'
6 water water
#
_entity_poly.entity_id   1
_entity_poly.type   'polypeptide(L)'
_entity_poly.pdbx_seq_one_letter_code
;MNHKVHMKNIQVVVRCRPFNLAERKASAHSIVECDPVRKEVSVRTGGLADKSSRKTYTFDMVFGASTKQIDVYRSVVCPI
LDEVIMGYNCTIFAYGQTGTGKTFTMEGERSPNEEYTWEEDPLAGIIPRTLHQIFEKLTDNGTEFSVKVSLLEIYNEELF
DLLNPSSDVSERLQMFDDPRNKRGVIIKGLEEITVHNKDEVYQILEKGAAKRTTAATLMNAYSSRSHSVFSVTIHMKETT
IDGEELVKIGKLNLVDLAGSENIGRSGAVDKRAREAGNINQSLLTLGRVITALVERTPHVPYRESKLTRILQDSLGGRTR
TSIIATISPASLNLEETLSTLEYAHRAKNILNKPEVNQKLQHHHHHH
;
_entity_poly.pdbx_strand_id   A,B
#
loop_
_chem_comp.id
_chem_comp.type
_chem_comp.name
_chem_comp.formula
5C5 non-polymer '(2R)-2-azanyl-3-[[2-(4-methoxyphenyl)-2-tricyclo[9.4.0.0^{3,8}]pentadeca-1(11),3,5,7,12,14-hexaenyl]sulfanyl]propanoic acid' 'C25 H25 N O3 S'
ADP non-polymer ADENOSINE-5'-DIPHOSPHATE 'C10 H15 N5 O10 P2'
MG non-polymer 'MAGNESIUM ION' 'Mg 2'
SO4 non-polymer 'SULFATE ION' 'O4 S -2'
#
# COMPACT_ATOMS: atom_id res chain seq x y z
N MET A 7 13.76 -5.39 24.04
CA MET A 7 15.18 -5.50 24.49
C MET A 7 16.11 -4.88 23.42
N LYS A 8 15.86 -5.09 22.13
CA LYS A 8 16.80 -4.56 21.10
C LYS A 8 16.29 -4.42 19.67
N ASN A 9 16.25 -3.20 19.19
CA ASN A 9 15.79 -2.88 17.84
C ASN A 9 16.62 -3.47 16.72
N ILE A 10 16.00 -3.63 15.55
CA ILE A 10 16.72 -4.04 14.35
C ILE A 10 17.49 -2.83 13.81
N GLN A 11 18.80 -2.98 13.67
CA GLN A 11 19.66 -1.92 13.16
C GLN A 11 19.43 -1.77 11.67
N VAL A 12 19.13 -0.55 11.22
CA VAL A 12 18.97 -0.31 9.81
C VAL A 12 19.98 0.71 9.35
N VAL A 13 20.77 0.36 8.34
CA VAL A 13 21.71 1.29 7.74
C VAL A 13 21.46 1.36 6.23
N VAL A 14 21.90 2.45 5.60
CA VAL A 14 21.68 2.69 4.19
C VAL A 14 23.05 2.85 3.53
N ARG A 15 23.22 2.30 2.33
CA ARG A 15 24.46 2.47 1.56
C ARG A 15 24.04 2.80 0.15
N CYS A 16 24.43 3.98 -0.30
CA CYS A 16 24.18 4.39 -1.68
C CYS A 16 25.46 4.18 -2.49
N ARG A 17 25.28 3.75 -3.74
CA ARG A 17 26.41 3.51 -4.66
C ARG A 17 26.54 4.70 -5.59
N PRO A 18 27.66 4.82 -6.30
CA PRO A 18 27.79 5.84 -7.33
C PRO A 18 26.85 5.60 -8.48
N PHE A 19 26.53 6.63 -9.22
CA PHE A 19 25.90 6.49 -10.55
C PHE A 19 26.55 5.39 -11.41
N ASN A 20 25.75 4.58 -12.06
CA ASN A 20 26.30 3.63 -13.04
C ASN A 20 26.21 4.20 -14.46
N LEU A 21 26.77 3.50 -15.42
CA LEU A 21 26.84 4.00 -16.78
C LEU A 21 25.48 4.25 -17.45
N ALA A 22 24.40 3.78 -16.85
CA ALA A 22 23.10 3.87 -17.46
C ALA A 22 22.32 5.07 -16.96
N GLU A 23 22.64 5.49 -15.75
CA GLU A 23 21.89 6.52 -15.04
C GLU A 23 22.37 7.92 -15.39
N ARG A 24 21.44 8.75 -15.82
CA ARG A 24 21.72 10.13 -16.20
C ARG A 24 21.50 11.10 -15.03
N LYS A 25 22.52 11.89 -14.74
CA LYS A 25 22.45 12.91 -13.76
C LYS A 25 22.07 14.18 -14.48
N ALA A 26 20.79 14.51 -14.48
CA ALA A 26 20.30 15.75 -15.10
C ALA A 26 20.63 17.02 -14.28
N SER A 27 20.41 16.94 -12.98
CA SER A 27 20.38 18.09 -12.06
C SER A 27 21.75 18.60 -11.62
N ALA A 28 21.81 19.90 -11.33
CA ALA A 28 23.00 20.53 -10.75
C ALA A 28 23.36 19.86 -9.41
N HIS A 29 22.42 19.85 -8.47
CA HIS A 29 22.64 19.20 -7.18
C HIS A 29 21.80 17.92 -7.01
N SER A 30 22.34 16.98 -6.23
CA SER A 30 21.86 15.59 -6.12
C SER A 30 20.35 15.34 -5.98
N ILE A 31 19.89 14.24 -6.55
CA ILE A 31 18.56 13.71 -6.28
C ILE A 31 18.55 12.96 -4.93
N VAL A 32 19.62 12.23 -4.64
CA VAL A 32 19.76 11.58 -3.32
C VAL A 32 20.96 12.11 -2.56
N GLU A 33 20.74 12.64 -1.36
CA GLU A 33 21.84 13.03 -0.48
C GLU A 33 21.93 12.17 0.78
N CYS A 34 23.16 11.74 1.08
CA CYS A 34 23.51 10.94 2.25
C CYS A 34 24.38 11.74 3.23
N ASP A 35 23.81 12.12 4.38
CA ASP A 35 24.57 12.83 5.42
C ASP A 35 25.04 11.86 6.49
N PRO A 36 26.31 11.45 6.47
CA PRO A 36 26.75 10.47 7.46
C PRO A 36 26.80 11.00 8.89
N VAL A 37 26.87 12.32 9.07
CA VAL A 37 26.90 12.87 10.42
C VAL A 37 25.51 12.84 11.04
N ARG A 38 24.52 13.39 10.34
CA ARG A 38 23.13 13.40 10.83
C ARG A 38 22.46 12.03 10.67
N LYS A 39 23.13 11.09 10.01
CA LYS A 39 22.58 9.76 9.69
C LYS A 39 21.25 9.81 8.91
N GLU A 40 21.19 10.68 7.91
CA GLU A 40 19.97 10.90 7.13
C GLU A 40 20.22 10.65 5.65
N VAL A 41 19.14 10.27 4.97
CA VAL A 41 19.07 10.22 3.53
C VAL A 41 17.97 11.19 3.10
N SER A 42 18.24 11.96 2.06
CA SER A 42 17.25 12.88 1.53
C SER A 42 17.13 12.75 0.04
N VAL A 43 15.90 12.51 -0.39
CA VAL A 43 15.61 12.23 -1.78
C VAL A 43 14.84 13.40 -2.32
N ARG A 44 15.30 13.92 -3.45
CA ARG A 44 14.71 15.11 -4.01
C ARG A 44 13.75 14.67 -5.07
N THR A 45 12.51 15.13 -4.96
CA THR A 45 11.42 14.67 -5.83
C THR A 45 10.64 15.86 -6.39
N ASP A 50 6.03 20.22 -8.04
CA ASP A 50 7.16 20.82 -7.26
C ASP A 50 8.51 20.22 -7.69
N LYS A 51 9.59 20.90 -7.34
CA LYS A 51 10.96 20.43 -7.57
C LYS A 51 11.82 20.55 -6.29
N SER A 52 11.69 21.65 -5.56
CA SER A 52 12.25 21.78 -4.19
C SER A 52 11.47 20.97 -3.15
N SER A 53 11.03 19.77 -3.51
CA SER A 53 10.19 18.94 -2.65
C SER A 53 10.91 17.65 -2.32
N ARG A 54 10.89 17.24 -1.04
CA ARG A 54 11.72 16.12 -0.57
C ARG A 54 11.06 15.26 0.50
N LYS A 55 11.73 14.15 0.81
CA LYS A 55 11.46 13.32 1.96
C LYS A 55 12.81 12.95 2.56
N THR A 56 12.93 13.07 3.87
CA THR A 56 14.16 12.79 4.57
C THR A 56 13.88 11.61 5.48
N TYR A 57 14.78 10.65 5.55
CA TYR A 57 14.57 9.46 6.39
C TYR A 57 15.73 9.39 7.35
N THR A 58 15.49 9.02 8.60
CA THR A 58 16.58 8.90 9.59
C THR A 58 16.97 7.44 9.83
N PHE A 59 18.26 7.14 9.91
CA PHE A 59 18.72 5.76 10.15
C PHE A 59 19.85 5.67 11.17
N ASP A 60 20.27 4.45 11.48
CA ASP A 60 21.30 4.25 12.50
C ASP A 60 22.69 4.56 11.98
N MET A 61 22.93 4.27 10.72
CA MET A 61 24.12 4.72 10.00
C MET A 61 23.79 5.02 8.54
N VAL A 62 24.56 5.91 7.94
CA VAL A 62 24.39 6.16 6.53
C VAL A 62 25.73 6.24 5.85
N PHE A 63 25.80 5.57 4.71
CA PHE A 63 27.01 5.46 3.97
C PHE A 63 26.76 6.00 2.58
N GLY A 64 27.48 7.05 2.22
CA GLY A 64 27.32 7.61 0.91
C GLY A 64 28.06 6.85 -0.18
N ALA A 65 27.82 7.33 -1.38
CA ALA A 65 28.36 6.82 -2.64
C ALA A 65 29.86 6.48 -2.68
N SER A 66 30.66 7.24 -1.96
CA SER A 66 32.10 7.04 -1.94
C SER A 66 32.55 6.10 -0.80
N THR A 67 31.59 5.49 -0.09
CA THR A 67 31.94 4.66 1.05
C THR A 67 32.63 3.39 0.58
N LYS A 68 33.90 3.24 0.96
CA LYS A 68 34.67 2.06 0.63
C LYS A 68 34.19 0.84 1.40
N GLN A 69 34.49 -0.35 0.86
CA GLN A 69 34.15 -1.65 1.51
C GLN A 69 34.70 -1.76 2.93
N ILE A 70 35.98 -1.42 3.11
CA ILE A 70 36.62 -1.53 4.42
C ILE A 70 35.83 -0.76 5.48
N ASP A 71 35.23 0.35 5.09
CA ASP A 71 34.42 1.17 6.00
C ASP A 71 33.09 0.54 6.40
N VAL A 72 32.39 -0.07 5.42
CA VAL A 72 31.19 -0.85 5.72
C VAL A 72 31.53 -1.93 6.73
N TYR A 73 32.65 -2.61 6.51
CA TYR A 73 33.06 -3.67 7.39
C TYR A 73 33.32 -3.14 8.82
N ARG A 74 34.26 -2.21 8.91
CA ARG A 74 34.63 -1.61 10.18
C ARG A 74 33.42 -1.14 10.97
N SER A 75 32.54 -0.41 10.31
CA SER A 75 31.45 0.28 11.00
C SER A 75 30.34 -0.66 11.42
N VAL A 76 30.03 -1.64 10.58
CA VAL A 76 28.84 -2.44 10.77
C VAL A 76 29.14 -3.81 11.32
N VAL A 77 30.22 -4.42 10.86
CA VAL A 77 30.39 -5.85 11.08
C VAL A 77 31.32 -6.14 12.24
N CYS A 78 32.34 -5.32 12.42
CA CYS A 78 33.28 -5.55 13.52
C CYS A 78 32.60 -5.60 14.89
N PRO A 79 31.64 -4.69 15.16
CA PRO A 79 30.79 -4.84 16.36
C PRO A 79 29.97 -6.15 16.38
N ILE A 80 29.31 -6.46 15.27
CA ILE A 80 28.46 -7.64 15.24
C ILE A 80 29.31 -8.90 15.48
N LEU A 81 30.54 -8.88 14.98
CA LEU A 81 31.43 -10.02 15.12
C LEU A 81 31.91 -10.19 16.56
N ASP A 82 31.86 -9.13 17.37
CA ASP A 82 32.15 -9.22 18.80
C ASP A 82 31.01 -9.93 19.53
N GLU A 83 29.78 -9.64 19.14
CA GLU A 83 28.61 -10.20 19.79
C GLU A 83 28.45 -11.68 19.45
N VAL A 84 28.87 -12.04 18.23
CA VAL A 84 28.89 -13.43 17.74
C VAL A 84 29.84 -14.29 18.57
N ILE A 85 31.02 -13.73 18.87
CA ILE A 85 32.01 -14.39 19.71
C ILE A 85 31.56 -14.54 21.17
N MET A 86 30.67 -13.66 21.62
CA MET A 86 30.03 -13.79 22.94
C MET A 86 29.03 -14.95 22.93
N GLY A 87 28.63 -15.36 21.74
CA GLY A 87 27.67 -16.43 21.57
C GLY A 87 26.28 -15.97 21.17
N TYR A 88 26.14 -14.79 20.59
CA TYR A 88 24.86 -14.36 20.06
C TYR A 88 24.70 -14.92 18.66
N ASN A 89 23.46 -15.14 18.23
CA ASN A 89 23.17 -15.34 16.80
C ASN A 89 22.95 -14.01 16.21
N CYS A 90 23.64 -13.75 15.12
CA CYS A 90 23.50 -12.50 14.41
C CYS A 90 23.23 -12.70 12.92
N THR A 91 22.45 -11.78 12.37
CA THR A 91 22.05 -11.81 11.01
C THR A 91 22.18 -10.43 10.44
N ILE A 92 22.80 -10.36 9.26
CA ILE A 92 22.85 -9.15 8.48
C ILE A 92 22.23 -9.44 7.14
N PHE A 93 21.11 -8.79 6.81
CA PHE A 93 20.68 -8.83 5.44
C PHE A 93 20.70 -7.53 4.64
N ALA A 94 21.03 -7.71 3.36
CA ALA A 94 21.04 -6.67 2.35
C ALA A 94 19.71 -6.66 1.59
N TYR A 95 18.98 -5.55 1.67
CA TYR A 95 17.69 -5.42 1.01
C TYR A 95 17.72 -4.25 0.05
N GLY A 96 17.24 -4.47 -1.17
CA GLY A 96 17.13 -3.40 -2.16
C GLY A 96 17.03 -3.82 -3.61
N GLN A 97 16.84 -2.82 -4.49
CA GLN A 97 16.73 -3.02 -5.93
C GLN A 97 17.95 -3.74 -6.53
N THR A 98 17.69 -4.62 -7.45
CA THR A 98 18.71 -5.24 -8.26
C THR A 98 19.58 -4.17 -8.87
N GLY A 99 20.90 -4.29 -8.67
CA GLY A 99 21.87 -3.34 -9.20
C GLY A 99 22.30 -2.22 -8.26
N THR A 100 21.83 -2.23 -7.03
CA THR A 100 22.13 -1.20 -6.06
C THR A 100 23.34 -1.54 -5.19
N GLY A 101 23.68 -2.81 -5.10
CA GLY A 101 24.95 -3.23 -4.49
C GLY A 101 24.86 -4.22 -3.32
N LYS A 102 23.78 -5.00 -3.27
CA LYS A 102 23.62 -6.04 -2.27
C LYS A 102 24.70 -7.10 -2.33
N THR A 103 25.03 -7.58 -3.51
CA THR A 103 26.03 -8.65 -3.61
C THR A 103 27.42 -8.05 -3.43
N PHE A 104 27.66 -6.89 -4.06
CA PHE A 104 28.91 -6.09 -3.82
C PHE A 104 29.19 -5.84 -2.30
N THR A 105 28.15 -5.55 -1.53
CA THR A 105 28.29 -5.32 -0.11
C THR A 105 28.61 -6.59 0.68
N MET A 106 27.77 -7.62 0.51
CA MET A 106 27.86 -8.87 1.30
C MET A 106 29.00 -9.79 0.88
N GLU A 107 29.40 -9.70 -0.39
CA GLU A 107 30.41 -10.57 -0.91
C GLU A 107 31.53 -9.77 -1.45
N GLY A 108 31.16 -8.80 -2.30
CA GLY A 108 32.11 -8.03 -3.04
C GLY A 108 32.47 -8.67 -4.37
N GLU A 109 33.49 -8.11 -5.01
CA GLU A 109 34.02 -8.63 -6.26
C GLU A 109 35.52 -8.86 -6.14
N ARG A 110 36.08 -9.57 -7.10
CA ARG A 110 37.50 -9.92 -7.12
C ARG A 110 38.22 -9.06 -8.16
N SER A 111 39.37 -8.54 -7.78
CA SER A 111 40.10 -7.62 -8.62
C SER A 111 40.99 -8.39 -9.55
N PRO A 112 40.91 -8.06 -10.85
CA PRO A 112 41.63 -8.78 -11.89
C PRO A 112 43.09 -9.12 -11.65
N ASN A 113 43.51 -10.12 -12.43
CA ASN A 113 44.89 -10.61 -12.56
C ASN A 113 45.85 -10.40 -11.39
N GLU A 114 45.47 -10.96 -10.23
CA GLU A 114 46.33 -11.02 -9.02
C GLU A 114 47.14 -9.74 -8.79
N GLU A 115 46.41 -8.63 -8.67
CA GLU A 115 46.96 -7.36 -8.25
C GLU A 115 46.90 -7.25 -6.72
N TYR A 116 46.04 -8.06 -6.12
CA TYR A 116 45.85 -8.11 -4.68
C TYR A 116 45.60 -9.56 -4.29
N THR A 117 46.21 -10.02 -3.19
CA THR A 117 45.78 -11.29 -2.60
C THR A 117 44.33 -11.10 -2.17
N TRP A 118 43.53 -12.17 -2.18
CA TRP A 118 42.14 -12.07 -1.71
C TRP A 118 42.04 -11.28 -0.40
N GLU A 119 43.06 -11.47 0.45
CA GLU A 119 43.20 -10.85 1.79
C GLU A 119 43.23 -9.32 1.70
N GLU A 120 43.93 -8.78 0.70
CA GLU A 120 44.12 -7.32 0.51
C GLU A 120 43.15 -6.63 -0.48
N ASP A 121 42.32 -7.42 -1.18
CA ASP A 121 41.49 -6.91 -2.29
C ASP A 121 40.51 -5.81 -1.85
N PRO A 122 40.67 -4.58 -2.37
CA PRO A 122 39.79 -3.48 -1.96
C PRO A 122 38.33 -3.67 -2.31
N LEU A 123 38.04 -4.59 -3.24
CA LEU A 123 36.68 -4.89 -3.62
C LEU A 123 36.08 -6.02 -2.77
N ALA A 124 36.92 -6.70 -2.00
CA ALA A 124 36.43 -7.68 -1.00
C ALA A 124 35.28 -7.11 -0.14
N GLY A 125 34.28 -7.94 0.10
CA GLY A 125 33.06 -7.54 0.81
C GLY A 125 33.05 -8.24 2.13
N ILE A 126 31.87 -8.27 2.75
CA ILE A 126 31.77 -8.65 4.15
C ILE A 126 32.24 -10.06 4.44
N ILE A 127 31.66 -11.03 3.74
CA ILE A 127 31.95 -12.45 3.92
C ILE A 127 33.46 -12.71 3.93
N PRO A 128 34.15 -12.41 2.83
CA PRO A 128 35.57 -12.76 2.86
C PRO A 128 36.34 -12.07 3.98
N ARG A 129 35.97 -10.82 4.32
CA ARG A 129 36.70 -10.07 5.36
C ARG A 129 36.44 -10.68 6.72
N THR A 130 35.15 -10.91 7.00
CA THR A 130 34.71 -11.50 8.24
C THR A 130 35.38 -12.83 8.49
N LEU A 131 35.49 -13.65 7.45
CA LEU A 131 36.13 -14.96 7.62
C LEU A 131 37.64 -14.83 7.80
N HIS A 132 38.24 -13.78 7.24
CA HIS A 132 39.64 -13.51 7.55
C HIS A 132 39.81 -13.16 9.03
N GLN A 133 38.97 -12.24 9.50
CA GLN A 133 39.08 -11.66 10.84
C GLN A 133 38.86 -12.66 11.96
N ILE A 134 37.95 -13.60 11.74
CA ILE A 134 37.68 -14.64 12.73
C ILE A 134 38.93 -15.40 13.11
N PHE A 135 39.75 -15.77 12.15
CA PHE A 135 40.99 -16.45 12.49
C PHE A 135 42.06 -15.56 13.11
N GLU A 136 41.99 -14.25 12.90
CA GLU A 136 42.90 -13.29 13.56
C GLU A 136 42.46 -13.02 15.02
N LYS A 137 41.18 -12.69 15.20
CA LYS A 137 40.63 -12.38 16.52
C LYS A 137 40.69 -13.60 17.42
N LEU A 138 40.21 -14.73 16.95
CA LEU A 138 40.17 -15.92 17.79
C LEU A 138 41.52 -16.58 18.03
N THR A 139 42.46 -16.47 17.09
CA THR A 139 43.77 -17.14 17.22
C THR A 139 44.49 -16.76 18.51
N ASP A 140 44.46 -15.46 18.84
CA ASP A 140 45.21 -14.92 19.98
C ASP A 140 44.33 -14.25 21.05
N ASN A 141 43.04 -14.57 21.06
CA ASN A 141 42.18 -14.27 22.23
C ASN A 141 42.14 -15.44 23.21
N GLY A 142 43.10 -16.37 23.11
CA GLY A 142 43.20 -17.51 24.01
C GLY A 142 42.24 -18.68 23.75
N THR A 143 41.17 -18.45 22.98
CA THR A 143 40.07 -19.43 22.80
C THR A 143 40.59 -20.72 22.15
N GLU A 144 39.89 -21.84 22.40
CA GLU A 144 39.99 -23.04 21.54
C GLU A 144 38.66 -23.20 20.80
N PHE A 145 38.72 -23.20 19.47
CA PHE A 145 37.54 -22.93 18.63
C PHE A 145 37.48 -23.75 17.30
N SER A 146 36.28 -23.78 16.71
CA SER A 146 36.11 -24.33 15.37
C SER A 146 35.14 -23.46 14.61
N VAL A 147 35.38 -23.34 13.29
CA VAL A 147 34.57 -22.52 12.41
C VAL A 147 33.98 -23.42 11.33
N LYS A 148 32.68 -23.33 11.10
CA LYS A 148 32.06 -24.11 10.06
C LYS A 148 31.09 -23.21 9.28
N VAL A 149 31.08 -23.39 7.97
CA VAL A 149 30.31 -22.52 7.08
C VAL A 149 29.40 -23.29 6.12
N SER A 150 28.29 -22.68 5.75
CA SER A 150 27.43 -23.27 4.75
C SER A 150 26.87 -22.17 3.87
N LEU A 151 26.65 -22.49 2.60
CA LEU A 151 26.07 -21.54 1.64
C LEU A 151 24.89 -22.19 1.00
N LEU A 152 23.73 -21.58 1.26
CA LEU A 152 22.45 -22.09 0.81
C LEU A 152 21.78 -20.99 0.02
N GLU A 153 21.16 -21.31 -1.13
CA GLU A 153 20.36 -20.30 -1.81
C GLU A 153 18.95 -20.77 -2.10
N ILE A 154 18.05 -19.80 -2.10
CA ILE A 154 16.62 -20.09 -2.23
C ILE A 154 16.16 -19.44 -3.53
N TYR A 155 15.54 -20.24 -4.41
CA TYR A 155 14.93 -19.72 -5.61
C TYR A 155 13.68 -20.50 -5.93
N ASN A 156 12.59 -19.79 -6.17
CA ASN A 156 11.32 -20.43 -6.47
C ASN A 156 10.99 -21.42 -5.35
N GLU A 157 11.19 -20.98 -4.11
CA GLU A 157 10.95 -21.79 -2.90
C GLU A 157 11.64 -23.14 -2.90
N GLU A 158 12.77 -23.19 -3.58
CA GLU A 158 13.54 -24.40 -3.67
C GLU A 158 14.93 -24.04 -3.19
N LEU A 159 15.63 -25.06 -2.69
CA LEU A 159 16.80 -24.86 -1.84
C LEU A 159 18.06 -25.49 -2.43
N PHE A 160 18.99 -24.64 -2.82
CA PHE A 160 20.20 -25.09 -3.48
C PHE A 160 21.42 -24.93 -2.58
N ASP A 161 22.26 -25.95 -2.55
CA ASP A 161 23.48 -25.97 -1.76
C ASP A 161 24.69 -25.73 -2.67
N LEU A 162 25.40 -24.64 -2.42
CA LEU A 162 26.50 -24.28 -3.26
C LEU A 162 27.90 -24.74 -2.75
N LEU A 163 27.99 -25.27 -1.53
CA LEU A 163 29.27 -25.74 -1.02
C LEU A 163 29.43 -27.24 -1.05
N ASN A 164 28.34 -27.96 -1.31
CA ASN A 164 28.39 -29.39 -1.60
C ASN A 164 29.36 -29.62 -2.74
N PRO A 165 30.46 -30.31 -2.46
CA PRO A 165 31.50 -30.46 -3.47
C PRO A 165 31.14 -31.38 -4.63
N SER A 166 30.14 -32.23 -4.41
CA SER A 166 29.92 -33.38 -5.25
C SER A 166 28.54 -33.45 -5.93
N SER A 167 27.49 -32.94 -5.32
CA SER A 167 26.17 -33.15 -5.85
C SER A 167 26.01 -32.31 -7.07
N ASP A 168 25.12 -32.74 -7.95
CA ASP A 168 24.58 -31.83 -8.96
C ASP A 168 23.93 -30.65 -8.27
N VAL A 169 24.20 -29.46 -8.74
CA VAL A 169 23.61 -28.29 -8.07
C VAL A 169 22.10 -28.27 -8.20
N SER A 170 21.55 -29.10 -9.08
CA SER A 170 20.10 -29.17 -9.31
C SER A 170 19.45 -30.15 -8.37
N GLU A 171 20.25 -30.83 -7.54
CA GLU A 171 19.76 -31.66 -6.43
C GLU A 171 19.44 -30.80 -5.21
N ARG A 172 18.15 -30.48 -5.04
CA ARG A 172 17.65 -29.49 -4.10
C ARG A 172 17.32 -30.13 -2.74
N LEU A 173 17.48 -29.36 -1.66
CA LEU A 173 17.33 -29.91 -0.32
C LEU A 173 15.96 -29.67 0.35
N GLN A 174 15.74 -30.41 1.45
CA GLN A 174 14.51 -30.33 2.25
C GLN A 174 14.75 -29.67 3.63
N MET A 175 13.63 -29.29 4.23
CA MET A 175 13.59 -28.50 5.41
C MET A 175 12.52 -29.03 6.37
N PHE A 176 12.87 -29.14 7.64
CA PHE A 176 11.91 -29.52 8.66
C PHE A 176 12.22 -28.78 9.93
N ASP A 177 11.28 -28.80 10.87
CA ASP A 177 11.39 -28.00 12.10
C ASP A 177 12.41 -28.61 13.06
N ASP A 178 13.28 -27.76 13.61
CA ASP A 178 14.39 -28.22 14.46
C ASP A 178 13.88 -28.64 15.85
N PRO A 179 14.12 -29.92 16.23
CA PRO A 179 13.64 -30.45 17.53
C PRO A 179 14.19 -29.74 18.77
N ARG A 180 15.29 -28.99 18.59
CA ARG A 180 16.00 -28.29 19.65
C ARG A 180 16.04 -26.77 19.43
N ASN A 181 14.99 -26.21 18.81
CA ASN A 181 14.88 -24.77 18.59
C ASN A 181 13.52 -24.44 18.03
N LYS A 182 12.61 -24.00 18.90
CA LYS A 182 11.24 -23.73 18.50
C LYS A 182 11.14 -22.73 17.37
N ARG A 183 12.18 -21.92 17.15
CA ARG A 183 12.10 -20.84 16.16
C ARG A 183 13.04 -20.97 14.96
N GLY A 184 13.60 -22.16 14.77
CA GLY A 184 14.45 -22.47 13.59
C GLY A 184 14.09 -23.75 12.84
N VAL A 185 14.90 -24.10 11.85
CA VAL A 185 14.68 -25.31 11.04
C VAL A 185 16.01 -26.00 10.81
N ILE A 186 15.98 -27.24 10.31
CA ILE A 186 17.19 -27.85 9.82
C ILE A 186 17.04 -28.15 8.34
N ILE A 187 18.10 -27.83 7.59
CA ILE A 187 18.22 -28.14 6.16
C ILE A 187 18.87 -29.51 6.04
N LYS A 188 18.09 -30.56 5.80
CA LYS A 188 18.60 -31.93 5.73
C LYS A 188 19.59 -32.06 4.56
N GLY A 189 20.79 -32.52 4.87
CA GLY A 189 21.84 -32.67 3.87
C GLY A 189 22.70 -31.44 3.61
N LEU A 190 22.31 -30.26 4.06
CA LEU A 190 23.13 -29.06 3.81
C LEU A 190 24.61 -29.27 4.25
N GLU A 191 25.54 -29.03 3.33
CA GLU A 191 26.94 -29.21 3.65
C GLU A 191 27.40 -28.06 4.55
N GLU A 192 28.09 -28.45 5.62
CA GLU A 192 28.76 -27.54 6.50
C GLU A 192 30.23 -27.86 6.43
N ILE A 193 31.01 -26.94 5.91
CA ILE A 193 32.41 -27.16 5.75
C ILE A 193 33.20 -26.57 6.92
N THR A 194 34.07 -27.39 7.50
CA THR A 194 34.97 -26.94 8.56
C THR A 194 36.12 -26.16 7.94
N VAL A 195 36.33 -24.93 8.39
CA VAL A 195 37.40 -24.08 7.89
C VAL A 195 38.55 -24.10 8.88
N HIS A 196 39.64 -24.77 8.53
CA HIS A 196 40.72 -25.00 9.52
C HIS A 196 41.70 -23.85 9.77
N ASN A 197 41.62 -22.79 8.95
CA ASN A 197 42.52 -21.63 9.04
C ASN A 197 42.23 -20.76 7.83
N LYS A 198 42.83 -19.58 7.77
CA LYS A 198 42.46 -18.61 6.71
C LYS A 198 42.83 -19.04 5.28
N ASP A 199 43.79 -19.95 5.15
CA ASP A 199 44.18 -20.48 3.83
C ASP A 199 43.09 -21.26 3.13
N GLU A 200 42.26 -21.98 3.88
CA GLU A 200 41.21 -22.80 3.31
C GLU A 200 40.00 -22.00 2.88
N VAL A 201 39.97 -20.71 3.23
CA VAL A 201 38.77 -19.90 3.04
C VAL A 201 38.46 -19.57 1.58
N TYR A 202 39.48 -19.20 0.81
CA TYR A 202 39.30 -18.75 -0.57
C TYR A 202 38.73 -19.88 -1.43
N GLN A 203 39.44 -21.02 -1.40
CA GLN A 203 39.04 -22.20 -2.15
C GLN A 203 37.58 -22.52 -1.88
N ILE A 204 37.18 -22.52 -0.62
CA ILE A 204 35.81 -22.85 -0.28
C ILE A 204 34.82 -21.85 -0.88
N LEU A 205 35.15 -20.55 -0.84
CA LEU A 205 34.22 -19.53 -1.34
C LEU A 205 34.21 -19.45 -2.87
N GLU A 206 35.39 -19.64 -3.46
CA GLU A 206 35.54 -19.69 -4.89
C GLU A 206 34.62 -20.80 -5.47
N LYS A 207 34.77 -22.01 -4.93
CA LYS A 207 33.94 -23.14 -5.33
C LYS A 207 32.48 -22.79 -5.15
N GLY A 208 32.17 -22.11 -4.07
CA GLY A 208 30.81 -21.66 -3.84
C GLY A 208 30.29 -20.81 -4.97
N ALA A 209 31.09 -19.85 -5.43
CA ALA A 209 30.67 -18.91 -6.46
C ALA A 209 30.58 -19.55 -7.86
N ALA A 210 31.44 -20.53 -8.09
CA ALA A 210 31.43 -21.35 -9.28
C ALA A 210 30.12 -22.13 -9.46
N LYS A 211 29.66 -22.74 -8.39
CA LYS A 211 28.46 -23.54 -8.48
C LYS A 211 27.32 -22.64 -8.77
N ARG A 212 27.32 -21.45 -8.19
CA ARG A 212 26.29 -20.50 -8.49
C ARG A 212 26.15 -20.28 -10.04
N THR A 213 27.27 -20.23 -10.73
CA THR A 213 27.25 -19.84 -12.12
C THR A 213 26.44 -20.88 -12.87
N THR A 214 26.68 -22.12 -12.44
CA THR A 214 25.98 -23.30 -12.92
C THR A 214 24.48 -23.23 -12.66
N ALA A 215 24.12 -22.80 -11.46
CA ALA A 215 22.73 -22.61 -11.09
C ALA A 215 22.09 -21.56 -11.94
N ALA A 216 22.87 -20.59 -12.37
CA ALA A 216 22.33 -19.50 -13.17
C ALA A 216 21.92 -19.96 -14.55
N THR A 217 22.68 -20.89 -15.12
CA THR A 217 22.37 -21.37 -16.46
C THR A 217 21.07 -22.15 -16.49
N LEU A 218 20.63 -22.71 -15.36
CA LEU A 218 19.39 -23.50 -15.32
C LEU A 218 18.13 -22.69 -15.06
N MET A 219 18.25 -21.55 -14.39
CA MET A 219 17.07 -20.84 -13.93
C MET A 219 17.11 -19.40 -14.45
N ASN A 220 15.93 -18.87 -14.77
CA ASN A 220 15.77 -17.50 -15.25
C ASN A 220 16.10 -16.42 -14.19
N ALA A 221 16.92 -15.43 -14.57
CA ALA A 221 17.15 -14.25 -13.74
C ALA A 221 17.45 -14.65 -12.30
N TYR A 222 18.34 -15.64 -12.17
CA TYR A 222 18.62 -16.27 -10.90
C TYR A 222 19.28 -15.34 -9.85
N SER A 223 20.23 -14.51 -10.24
CA SER A 223 20.85 -13.58 -9.31
C SER A 223 19.84 -12.67 -8.64
N SER A 224 19.01 -12.04 -9.45
CA SER A 224 18.07 -11.08 -8.91
C SER A 224 16.98 -11.74 -8.09
N ARG A 225 16.61 -12.98 -8.43
CA ARG A 225 15.49 -13.63 -7.75
C ARG A 225 15.93 -14.55 -6.68
N SER A 226 17.21 -14.90 -6.68
CA SER A 226 17.72 -15.79 -5.65
C SER A 226 17.87 -15.00 -4.38
N HIS A 227 17.55 -15.65 -3.26
CA HIS A 227 18.02 -15.24 -1.94
C HIS A 227 19.26 -16.10 -1.63
N SER A 228 20.29 -15.47 -1.10
CA SER A 228 21.50 -16.18 -0.68
C SER A 228 21.76 -16.09 0.84
N VAL A 229 21.90 -17.23 1.49
CA VAL A 229 22.15 -17.31 2.93
C VAL A 229 23.51 -17.98 3.21
N PHE A 230 24.52 -17.16 3.53
CA PHE A 230 25.80 -17.69 3.99
C PHE A 230 25.87 -17.71 5.54
N SER A 231 26.02 -18.88 6.13
CA SER A 231 26.11 -19.00 7.57
C SER A 231 27.52 -19.39 8.05
N VAL A 232 28.07 -18.60 8.97
CA VAL A 232 29.24 -19.03 9.75
C VAL A 232 28.81 -19.32 11.22
N THR A 233 29.41 -20.36 11.81
CA THR A 233 29.07 -20.86 13.13
C THR A 233 30.38 -21.09 13.88
N ILE A 234 30.54 -20.50 15.06
CA ILE A 234 31.78 -20.64 15.79
C ILE A 234 31.49 -21.33 17.10
N HIS A 235 32.13 -22.48 17.30
CA HIS A 235 32.11 -23.21 18.57
C HIS A 235 33.34 -22.76 19.34
N MET A 236 33.15 -22.35 20.59
CA MET A 236 34.25 -21.85 21.41
C MET A 236 34.13 -22.49 22.77
N LYS A 237 35.18 -23.17 23.18
CA LYS A 237 35.19 -23.83 24.47
C LYS A 237 36.32 -23.28 25.34
N GLU A 238 36.08 -23.30 26.63
CA GLU A 238 36.77 -22.43 27.55
C GLU A 238 36.63 -23.01 28.93
N THR A 239 37.57 -22.68 29.80
CA THR A 239 37.55 -23.21 31.14
C THR A 239 37.46 -22.05 32.15
N THR A 240 36.52 -22.14 33.10
CA THR A 240 36.29 -21.08 34.09
C THR A 240 37.22 -21.20 35.31
N ILE A 241 37.22 -20.20 36.18
CA ILE A 241 38.09 -20.20 37.37
C ILE A 241 37.60 -21.23 38.39
N ASP A 242 36.30 -21.47 38.37
CA ASP A 242 35.67 -22.49 39.18
C ASP A 242 36.01 -23.92 38.72
N GLY A 243 36.46 -24.02 37.46
CA GLY A 243 36.99 -25.26 36.90
C GLY A 243 36.03 -25.93 35.94
N GLU A 244 35.00 -25.21 35.54
CA GLU A 244 34.01 -25.78 34.65
C GLU A 244 34.44 -25.61 33.20
N GLU A 245 33.58 -26.03 32.29
CA GLU A 245 33.88 -26.01 30.86
C GLU A 245 32.75 -25.30 30.16
N LEU A 246 32.95 -24.02 29.91
CA LEU A 246 31.95 -23.16 29.29
C LEU A 246 32.07 -23.30 27.79
N VAL A 247 30.95 -23.58 27.15
CA VAL A 247 30.89 -23.64 25.69
C VAL A 247 29.92 -22.57 25.21
N LYS A 248 30.31 -21.89 24.14
CA LYS A 248 29.44 -20.93 23.51
C LYS A 248 29.53 -21.04 22.00
N ILE A 249 28.38 -20.87 21.36
CA ILE A 249 28.23 -21.06 19.91
C ILE A 249 27.78 -19.74 19.31
N GLY A 250 28.68 -19.13 18.54
CA GLY A 250 28.33 -17.95 17.76
C GLY A 250 27.82 -18.41 16.41
N LYS A 251 26.83 -17.71 15.89
CA LYS A 251 26.36 -18.00 14.56
C LYS A 251 26.07 -16.67 13.85
N LEU A 252 26.62 -16.49 12.66
CA LEU A 252 26.40 -15.27 11.90
C LEU A 252 25.80 -15.61 10.58
N ASN A 253 24.65 -15.01 10.30
CA ASN A 253 23.91 -15.21 9.06
C ASN A 253 24.04 -13.97 8.19
N LEU A 254 24.71 -14.12 7.04
CA LEU A 254 24.94 -13.05 6.09
C LEU A 254 24.04 -13.24 4.86
N VAL A 255 22.93 -12.53 4.83
CA VAL A 255 21.92 -12.79 3.82
C VAL A 255 21.88 -11.71 2.75
N ASP A 256 21.99 -12.15 1.49
CA ASP A 256 21.84 -11.32 0.29
C ASP A 256 20.46 -11.61 -0.35
N LEU A 257 19.54 -10.66 -0.25
CA LEU A 257 18.18 -10.94 -0.61
C LEU A 257 17.91 -10.69 -2.10
N ALA A 258 16.79 -11.22 -2.56
CA ALA A 258 16.30 -10.97 -3.86
C ALA A 258 15.94 -9.47 -3.94
N GLY A 259 16.13 -8.89 -5.12
CA GLY A 259 15.80 -7.51 -5.42
C GLY A 259 14.40 -7.12 -5.04
N SER A 260 14.31 -6.02 -4.30
CA SER A 260 13.05 -5.47 -3.82
C SER A 260 12.04 -5.29 -4.95
N GLU A 261 12.51 -4.99 -6.14
CA GLU A 261 11.61 -4.71 -7.26
C GLU A 261 10.65 -5.86 -7.62
N ASN A 262 11.02 -7.09 -7.31
CA ASN A 262 10.27 -8.25 -7.82
C ASN A 262 8.83 -8.28 -7.38
N ASN A 278 4.61 -18.07 -7.36
CA ASN A 278 5.62 -18.81 -6.51
C ASN A 278 7.11 -18.37 -6.55
N ILE A 279 7.49 -17.64 -7.59
CA ILE A 279 8.88 -17.21 -7.75
C ILE A 279 9.28 -16.22 -6.65
N ASN A 280 8.30 -15.41 -6.22
CA ASN A 280 8.48 -14.28 -5.31
C ASN A 280 7.88 -14.48 -3.93
N GLN A 281 7.47 -15.70 -3.64
CA GLN A 281 6.77 -16.04 -2.40
C GLN A 281 7.55 -15.62 -1.14
N SER A 282 8.87 -15.84 -1.14
CA SER A 282 9.69 -15.59 0.01
C SER A 282 9.89 -14.10 0.21
N LEU A 283 9.99 -13.35 -0.89
CA LEU A 283 10.12 -11.93 -0.76
C LEU A 283 8.78 -11.34 -0.35
N LEU A 284 7.69 -11.81 -0.94
CA LEU A 284 6.38 -11.35 -0.51
C LEU A 284 6.13 -11.59 0.99
N THR A 285 6.47 -12.80 1.43
CA THR A 285 6.22 -13.24 2.79
C THR A 285 7.09 -12.47 3.81
N LEU A 286 8.35 -12.21 3.47
CA LEU A 286 9.21 -11.32 4.24
C LEU A 286 8.56 -9.97 4.51
N GLY A 287 7.93 -9.41 3.49
CA GLY A 287 7.17 -8.17 3.63
C GLY A 287 6.02 -8.30 4.60
N ARG A 288 5.26 -9.37 4.45
CA ARG A 288 4.11 -9.64 5.30
C ARG A 288 4.49 -9.86 6.77
N VAL A 289 5.63 -10.50 7.00
CA VAL A 289 6.18 -10.69 8.33
C VAL A 289 6.55 -9.35 8.97
N ILE A 290 7.31 -8.55 8.21
CA ILE A 290 7.75 -7.23 8.71
C ILE A 290 6.53 -6.37 9.01
N THR A 291 5.56 -6.37 8.10
CA THR A 291 4.32 -5.60 8.30
C THR A 291 3.61 -6.03 9.55
N ALA A 292 3.47 -7.33 9.73
CA ALA A 292 2.79 -7.86 10.90
C ALA A 292 3.51 -7.43 12.18
N LEU A 293 4.82 -7.68 12.24
CA LEU A 293 5.62 -7.34 13.39
C LEU A 293 5.43 -5.87 13.80
N VAL A 294 5.68 -4.94 12.89
CA VAL A 294 5.67 -3.53 13.28
C VAL A 294 4.29 -3.07 13.66
N GLU A 295 3.27 -3.62 13.03
CA GLU A 295 1.89 -3.24 13.38
C GLU A 295 1.32 -4.07 14.53
N ARG A 296 2.17 -4.91 15.13
CA ARG A 296 1.81 -5.69 16.33
C ARG A 296 0.53 -6.53 16.13
N THR A 297 0.53 -7.38 15.09
CA THR A 297 -0.62 -8.23 14.78
C THR A 297 -0.34 -9.63 15.30
N PRO A 298 -1.39 -10.37 15.65
CA PRO A 298 -1.11 -11.61 16.38
C PRO A 298 -0.34 -12.58 15.51
N HIS A 299 -0.80 -12.78 14.28
CA HIS A 299 -0.18 -13.76 13.40
C HIS A 299 0.95 -13.22 12.52
N VAL A 300 2.18 -13.64 12.83
CA VAL A 300 3.31 -13.38 11.95
C VAL A 300 3.50 -14.66 11.13
N PRO A 301 3.17 -14.62 9.81
CA PRO A 301 3.24 -15.83 8.98
C PRO A 301 4.68 -16.25 8.59
N TYR A 302 5.53 -16.52 9.56
CA TYR A 302 6.84 -17.10 9.27
C TYR A 302 6.78 -18.36 8.38
N ARG A 303 5.77 -19.16 8.62
CA ARG A 303 5.73 -20.50 8.07
C ARG A 303 5.37 -20.51 6.58
N GLU A 304 4.78 -19.43 6.08
CA GLU A 304 4.42 -19.28 4.65
C GLU A 304 5.56 -19.12 3.61
N SER A 305 6.82 -19.23 3.99
CA SER A 305 7.90 -19.17 2.99
C SER A 305 9.20 -19.75 3.51
N LYS A 306 10.07 -20.23 2.60
CA LYS A 306 11.33 -20.89 3.02
C LYS A 306 12.21 -19.90 3.76
N LEU A 307 12.31 -18.70 3.21
CA LEU A 307 13.15 -17.64 3.78
C LEU A 307 12.80 -17.25 5.21
N THR A 308 11.53 -16.93 5.43
CA THR A 308 11.04 -16.46 6.70
C THR A 308 10.98 -17.61 7.70
N ARG A 309 10.79 -18.84 7.24
CA ARG A 309 11.01 -20.02 8.11
C ARG A 309 12.48 -20.13 8.58
N ILE A 310 13.40 -19.84 7.66
CA ILE A 310 14.82 -19.91 7.92
C ILE A 310 15.29 -18.78 8.87
N LEU A 311 14.74 -17.57 8.69
CA LEU A 311 15.14 -16.41 9.47
C LEU A 311 14.15 -16.03 10.53
N GLN A 312 13.24 -16.92 10.86
CA GLN A 312 12.18 -16.58 11.81
C GLN A 312 12.75 -15.85 13.03
N ASP A 313 13.90 -16.33 13.52
CA ASP A 313 14.47 -15.85 14.76
C ASP A 313 15.17 -14.52 14.57
N SER A 314 15.61 -14.26 13.35
CA SER A 314 16.20 -12.98 13.01
C SER A 314 15.21 -11.83 12.98
N LEU A 315 13.92 -12.09 13.18
CA LEU A 315 12.86 -11.09 12.89
C LEU A 315 11.84 -11.06 13.99
N GLY A 316 12.24 -10.49 15.11
CA GLY A 316 11.41 -10.50 16.32
C GLY A 316 11.72 -11.64 17.27
N GLY A 317 12.86 -12.31 17.09
CA GLY A 317 13.24 -13.45 17.92
C GLY A 317 14.51 -13.16 18.69
N ARG A 318 15.32 -14.20 18.92
CA ARG A 318 16.47 -14.13 19.83
C ARG A 318 17.82 -13.82 19.15
N THR A 319 17.75 -13.21 17.97
CA THR A 319 18.92 -12.96 17.12
C THR A 319 19.23 -11.43 17.13
N ARG A 320 20.49 -11.04 16.93
CA ARG A 320 20.78 -9.60 16.69
C ARG A 320 20.82 -9.29 15.21
N THR A 321 19.84 -8.52 14.74
CA THR A 321 19.67 -8.34 13.30
C THR A 321 20.01 -6.94 12.79
N SER A 322 20.77 -6.92 11.69
CA SER A 322 21.03 -5.68 11.00
C SER A 322 20.61 -5.85 9.55
N ILE A 323 20.05 -4.78 8.99
CA ILE A 323 19.70 -4.67 7.59
C ILE A 323 20.57 -3.56 6.98
N ILE A 324 21.06 -3.78 5.77
CA ILE A 324 21.78 -2.75 5.00
C ILE A 324 20.91 -2.56 3.76
N ALA A 325 20.14 -1.48 3.71
CA ALA A 325 19.29 -1.17 2.57
C ALA A 325 20.16 -0.45 1.56
N THR A 326 20.22 -0.95 0.32
CA THR A 326 21.05 -0.36 -0.73
C THR A 326 20.18 0.37 -1.73
N ILE A 327 20.64 1.54 -2.15
CA ILE A 327 19.84 2.44 -3.00
C ILE A 327 20.65 3.00 -4.17
N SER A 328 19.94 3.46 -5.21
CA SER A 328 20.54 4.22 -6.31
C SER A 328 20.43 5.72 -6.06
N PRO A 329 21.36 6.51 -6.59
CA PRO A 329 21.24 7.97 -6.54
C PRO A 329 20.50 8.58 -7.73
N ALA A 330 19.98 7.75 -8.64
CA ALA A 330 19.49 8.23 -9.94
C ALA A 330 17.99 8.33 -10.04
N SER A 331 17.50 9.27 -10.86
CA SER A 331 16.06 9.45 -11.11
C SER A 331 15.36 8.23 -11.74
N LEU A 332 16.14 7.43 -12.46
CA LEU A 332 15.63 6.28 -13.19
C LEU A 332 15.02 5.30 -12.20
N ASN A 333 15.64 5.22 -11.03
CA ASN A 333 15.31 4.23 -10.02
C ASN A 333 14.82 4.87 -8.75
N LEU A 334 14.38 6.11 -8.89
CA LEU A 334 13.85 6.87 -7.79
C LEU A 334 12.76 6.14 -7.01
N GLU A 335 11.79 5.58 -7.72
CA GLU A 335 10.63 4.99 -7.06
C GLU A 335 11.00 3.74 -6.27
N GLU A 336 11.94 2.94 -6.77
CA GLU A 336 12.44 1.75 -6.04
C GLU A 336 13.30 2.18 -4.85
N THR A 337 14.11 3.23 -5.04
CA THR A 337 14.83 3.86 -3.96
C THR A 337 13.87 4.30 -2.84
N LEU A 338 12.84 5.08 -3.17
CA LEU A 338 11.87 5.46 -2.15
C LEU A 338 11.23 4.28 -1.44
N SER A 339 10.72 3.33 -2.23
CA SER A 339 10.23 2.06 -1.70
C SER A 339 11.18 1.42 -0.72
N THR A 340 12.44 1.28 -1.16
CA THR A 340 13.46 0.68 -0.36
C THR A 340 13.66 1.45 0.94
N LEU A 341 13.60 2.78 0.87
CA LEU A 341 13.73 3.59 2.07
C LEU A 341 12.52 3.41 2.97
N GLU A 342 11.30 3.49 2.45
CA GLU A 342 10.12 3.37 3.32
C GLU A 342 10.11 2.00 3.98
N TYR A 343 10.53 1.01 3.22
CA TYR A 343 10.47 -0.36 3.65
C TYR A 343 11.51 -0.64 4.74
N ALA A 344 12.75 -0.21 4.55
CA ALA A 344 13.78 -0.44 5.58
C ALA A 344 13.49 0.39 6.83
N HIS A 345 12.88 1.54 6.66
CA HIS A 345 12.72 2.48 7.75
C HIS A 345 11.69 1.97 8.78
N ARG A 346 10.63 1.32 8.30
CA ARG A 346 9.66 0.73 9.23
C ARG A 346 10.29 -0.43 10.01
N ALA A 347 11.30 -1.09 9.44
CA ALA A 347 11.95 -2.24 10.09
C ALA A 347 12.76 -1.94 11.36
N LYS A 348 13.09 -0.68 11.57
CA LYS A 348 13.74 -0.24 12.81
C LYS A 348 12.83 -0.51 14.01
N ASN A 349 11.54 -0.38 13.80
CA ASN A 349 10.56 -0.64 14.85
C ASN A 349 10.46 -2.07 15.40
N ILE A 350 10.99 -3.06 14.70
CA ILE A 350 10.91 -4.46 15.16
C ILE A 350 11.86 -4.62 16.32
N LEU A 351 11.38 -5.22 17.42
CA LEU A 351 12.22 -5.51 18.57
C LEU A 351 12.60 -6.98 18.68
N ASN A 352 13.90 -7.25 18.71
CA ASN A 352 14.43 -8.56 19.08
C ASN A 352 14.85 -8.64 20.55
N LYS A 353 14.97 -9.87 21.03
CA LYS A 353 15.41 -10.18 22.38
C LYS A 353 16.66 -11.04 22.26
N PRO A 354 17.84 -10.45 22.07
CA PRO A 354 19.00 -11.34 21.89
C PRO A 354 19.39 -12.11 23.16
N GLU A 355 19.99 -13.30 22.99
CA GLU A 355 20.38 -14.23 24.08
C GLU A 355 21.50 -15.14 23.60
N VAL A 356 22.42 -15.57 24.47
CA VAL A 356 23.68 -16.23 24.05
C VAL A 356 23.69 -17.77 24.18
N ASN A 357 24.77 -18.44 23.72
CA ASN A 357 25.05 -19.90 23.89
C ASN A 357 24.28 -20.66 22.82
N MET B 7 -21.09 -9.81 -13.29
CA MET B 7 -22.18 -9.54 -14.28
C MET B 7 -22.12 -8.07 -14.77
N LYS B 8 -21.87 -7.12 -13.89
CA LYS B 8 -21.89 -5.68 -14.24
C LYS B 8 -20.88 -4.78 -13.49
N ASN B 9 -19.95 -4.21 -14.22
CA ASN B 9 -18.91 -3.34 -13.64
C ASN B 9 -19.40 -2.06 -12.98
N ILE B 10 -18.57 -1.51 -12.10
CA ILE B 10 -18.83 -0.19 -11.53
C ILE B 10 -18.44 0.87 -12.54
N GLN B 11 -19.40 1.74 -12.86
CA GLN B 11 -19.19 2.83 -13.79
C GLN B 11 -18.37 3.94 -13.12
N VAL B 12 -17.29 4.35 -13.76
CA VAL B 12 -16.47 5.43 -13.23
C VAL B 12 -16.41 6.55 -14.22
N VAL B 13 -16.77 7.76 -13.78
CA VAL B 13 -16.71 8.94 -14.63
C VAL B 13 -15.91 10.03 -13.93
N VAL B 14 -15.41 10.99 -14.71
CA VAL B 14 -14.57 12.06 -14.20
C VAL B 14 -15.24 13.39 -14.56
N ARG B 15 -15.20 14.35 -13.63
CA ARG B 15 -15.70 15.70 -13.89
C ARG B 15 -14.66 16.69 -13.40
N CYS B 16 -14.14 17.50 -14.34
CA CYS B 16 -13.20 18.56 -13.99
C CYS B 16 -13.96 19.87 -13.93
N ARG B 17 -13.57 20.72 -12.98
CA ARG B 17 -14.19 22.04 -12.79
C ARG B 17 -13.28 23.10 -13.39
N PRO B 18 -13.77 24.35 -13.55
CA PRO B 18 -12.92 25.44 -14.03
C PRO B 18 -11.91 25.80 -12.99
N PHE B 19 -10.80 26.41 -13.40
CA PHE B 19 -9.87 27.08 -12.47
C PHE B 19 -10.63 27.97 -11.47
N ASN B 20 -10.28 27.90 -10.20
CA ASN B 20 -10.86 28.82 -9.22
C ASN B 20 -9.94 30.02 -9.00
N LEU B 21 -10.39 30.98 -8.21
CA LEU B 21 -9.67 32.22 -8.03
C LEU B 21 -8.29 32.06 -7.35
N ALA B 22 -7.99 30.90 -6.82
CA ALA B 22 -6.72 30.69 -6.14
C ALA B 22 -5.67 30.08 -7.05
N GLU B 23 -6.12 29.34 -8.06
CA GLU B 23 -5.25 28.52 -8.88
C GLU B 23 -4.64 29.31 -10.04
N ARG B 24 -3.31 29.28 -10.10
CA ARG B 24 -2.54 29.96 -11.13
C ARG B 24 -2.27 29.04 -12.33
N LYS B 25 -2.68 29.50 -13.51
CA LYS B 25 -2.42 28.82 -14.74
C LYS B 25 -1.12 29.37 -15.28
N ALA B 26 -0.01 28.71 -15.00
CA ALA B 26 1.30 29.13 -15.49
C ALA B 26 1.46 28.86 -16.98
N SER B 27 1.09 27.65 -17.40
CA SER B 27 1.39 27.14 -18.73
C SER B 27 0.44 27.65 -19.82
N ALA B 28 0.97 27.77 -21.04
CA ALA B 28 0.14 28.09 -22.18
C ALA B 28 -0.90 26.98 -22.41
N HIS B 29 -0.44 25.76 -22.62
CA HIS B 29 -1.35 24.65 -22.90
C HIS B 29 -1.56 23.81 -21.62
N SER B 30 -2.78 23.26 -21.48
CA SER B 30 -3.32 22.72 -20.21
C SER B 30 -2.44 21.73 -19.49
N ILE B 31 -2.53 21.73 -18.16
CA ILE B 31 -1.96 20.65 -17.34
C ILE B 31 -2.90 19.45 -17.36
N VAL B 32 -4.22 19.69 -17.30
CA VAL B 32 -5.20 18.62 -17.43
C VAL B 32 -6.09 18.80 -18.65
N GLU B 33 -6.13 17.80 -19.53
CA GLU B 33 -7.06 17.80 -20.66
C GLU B 33 -8.11 16.69 -20.56
N CYS B 34 -9.36 17.08 -20.82
CA CYS B 34 -10.53 16.20 -20.81
C CYS B 34 -11.12 16.03 -22.21
N ASP B 35 -10.93 14.86 -22.84
CA ASP B 35 -11.45 14.60 -24.17
C ASP B 35 -12.76 13.82 -24.06
N PRO B 36 -13.91 14.48 -24.22
CA PRO B 36 -15.16 13.74 -24.03
C PRO B 36 -15.46 12.72 -25.13
N VAL B 37 -14.83 12.84 -26.30
CA VAL B 37 -15.05 11.85 -27.35
C VAL B 37 -14.28 10.55 -27.06
N ARG B 38 -12.98 10.65 -26.82
CA ARG B 38 -12.15 9.48 -26.49
C ARG B 38 -12.37 8.99 -25.06
N LYS B 39 -13.14 9.74 -24.27
CA LYS B 39 -13.36 9.46 -22.84
C LYS B 39 -12.07 9.34 -22.02
N GLU B 40 -11.14 10.27 -22.27
CA GLU B 40 -9.83 10.27 -21.63
C GLU B 40 -9.60 11.56 -20.84
N VAL B 41 -8.79 11.44 -19.79
CA VAL B 41 -8.21 12.55 -19.08
C VAL B 41 -6.71 12.44 -19.25
N SER B 42 -6.05 13.54 -19.55
CA SER B 42 -4.62 13.54 -19.72
C SER B 42 -3.98 14.63 -18.91
N VAL B 43 -3.04 14.23 -18.08
CA VAL B 43 -2.43 15.12 -17.13
C VAL B 43 -1.01 15.32 -17.58
N ARG B 44 -0.59 16.58 -17.66
CA ARG B 44 0.74 16.91 -18.13
C ARG B 44 1.62 17.08 -16.93
N THR B 45 2.73 16.34 -16.91
CA THR B 45 3.61 16.28 -15.76
C THR B 45 5.08 16.46 -16.17
N ASP B 50 10.21 17.23 -17.30
CA ASP B 50 9.77 17.02 -18.72
C ASP B 50 8.48 17.82 -19.01
N LYS B 51 8.21 18.04 -20.30
CA LYS B 51 7.02 18.76 -20.77
C LYS B 51 6.11 17.86 -21.62
N SER B 52 6.70 17.15 -22.59
CA SER B 52 5.95 16.18 -23.42
C SER B 52 5.70 14.85 -22.67
N SER B 53 5.57 14.91 -21.34
CA SER B 53 5.46 13.72 -20.49
C SER B 53 4.14 13.76 -19.74
N ARG B 54 3.37 12.68 -19.88
CA ARG B 54 2.01 12.65 -19.39
C ARG B 54 1.61 11.28 -18.86
N LYS B 55 0.42 11.27 -18.29
CA LYS B 55 -0.28 10.05 -17.99
C LYS B 55 -1.72 10.25 -18.46
N THR B 56 -2.22 9.31 -19.23
CA THR B 56 -3.56 9.40 -19.78
C THR B 56 -4.34 8.25 -19.21
N TYR B 57 -5.56 8.52 -18.74
CA TYR B 57 -6.43 7.53 -18.10
C TYR B 57 -7.73 7.49 -18.87
N THR B 58 -8.25 6.29 -19.12
CA THR B 58 -9.46 6.15 -19.90
C THR B 58 -10.62 5.79 -18.98
N PHE B 59 -11.78 6.40 -19.20
CA PHE B 59 -12.97 6.17 -18.33
C PHE B 59 -14.25 5.94 -19.12
N ASP B 60 -15.35 5.71 -18.43
CA ASP B 60 -16.62 5.42 -19.09
C ASP B 60 -17.27 6.69 -19.63
N MET B 61 -17.11 7.80 -18.92
CA MET B 61 -17.46 9.13 -19.43
C MET B 61 -16.51 10.20 -18.87
N VAL B 62 -16.34 11.30 -19.60
CA VAL B 62 -15.56 12.39 -19.13
C VAL B 62 -16.23 13.71 -19.41
N PHE B 63 -16.21 14.56 -18.40
CA PHE B 63 -16.86 15.84 -18.44
C PHE B 63 -15.85 16.93 -18.19
N GLY B 64 -15.66 17.80 -19.16
CA GLY B 64 -14.73 18.90 -19.00
C GLY B 64 -15.29 20.06 -18.21
N ALA B 65 -14.38 21.00 -17.94
CA ALA B 65 -14.57 22.18 -17.13
C ALA B 65 -15.84 22.99 -17.38
N SER B 66 -16.29 23.01 -18.62
CA SER B 66 -17.49 23.78 -19.00
C SER B 66 -18.77 22.93 -18.94
N THR B 67 -18.68 21.70 -18.43
CA THR B 67 -19.84 20.81 -18.41
C THR B 67 -20.89 21.34 -17.46
N LYS B 68 -22.04 21.71 -18.00
CA LYS B 68 -23.17 22.19 -17.22
C LYS B 68 -23.81 21.08 -16.39
N GLN B 69 -24.49 21.47 -15.32
CA GLN B 69 -25.20 20.54 -14.42
C GLN B 69 -26.21 19.68 -15.14
N ILE B 70 -27.05 20.29 -15.97
CA ILE B 70 -28.05 19.56 -16.73
C ILE B 70 -27.44 18.40 -17.52
N ASP B 71 -26.22 18.59 -18.03
CA ASP B 71 -25.52 17.55 -18.78
C ASP B 71 -25.04 16.37 -17.94
N VAL B 72 -24.50 16.66 -16.76
CA VAL B 72 -24.16 15.61 -15.80
C VAL B 72 -25.40 14.81 -15.49
N TYR B 73 -26.52 15.49 -15.28
CA TYR B 73 -27.76 14.80 -14.97
C TYR B 73 -28.19 13.91 -16.12
N ARG B 74 -28.40 14.52 -17.29
CA ARG B 74 -28.83 13.79 -18.49
C ARG B 74 -27.96 12.57 -18.77
N SER B 75 -26.65 12.74 -18.72
CA SER B 75 -25.71 11.69 -19.12
C SER B 75 -25.58 10.55 -18.13
N VAL B 76 -25.58 10.87 -16.85
CA VAL B 76 -25.24 9.91 -15.81
C VAL B 76 -26.43 9.39 -15.05
N VAL B 77 -27.40 10.27 -14.76
CA VAL B 77 -28.45 9.93 -13.82
C VAL B 77 -29.72 9.45 -14.49
N CYS B 78 -30.09 10.04 -15.63
CA CYS B 78 -31.33 9.64 -16.30
C CYS B 78 -31.38 8.15 -16.61
N PRO B 79 -30.25 7.56 -17.10
CA PRO B 79 -30.18 6.08 -17.22
C PRO B 79 -30.34 5.36 -15.86
N ILE B 80 -29.61 5.84 -14.85
CA ILE B 80 -29.64 5.18 -13.56
C ILE B 80 -31.07 5.25 -12.97
N LEU B 81 -31.79 6.33 -13.26
CA LEU B 81 -33.14 6.53 -12.76
C LEU B 81 -34.14 5.61 -13.46
N ASP B 82 -33.82 5.13 -14.66
CA ASP B 82 -34.64 4.11 -15.33
C ASP B 82 -34.50 2.75 -14.65
N GLU B 83 -33.28 2.42 -14.24
CA GLU B 83 -33.00 1.14 -13.61
C GLU B 83 -33.58 1.06 -12.21
N VAL B 84 -33.60 2.22 -11.53
CA VAL B 84 -34.19 2.39 -10.20
C VAL B 84 -35.69 2.09 -10.23
N ILE B 85 -36.35 2.61 -11.26
CA ILE B 85 -37.78 2.37 -11.50
C ILE B 85 -38.08 0.90 -11.83
N MET B 86 -37.09 0.19 -12.37
CA MET B 86 -37.23 -1.24 -12.61
C MET B 86 -37.13 -2.03 -11.31
N GLY B 87 -36.60 -1.37 -10.30
CA GLY B 87 -36.44 -1.95 -8.98
C GLY B 87 -35.02 -2.31 -8.65
N TYR B 88 -34.04 -1.69 -9.30
CA TYR B 88 -32.65 -1.92 -8.93
C TYR B 88 -32.30 -0.96 -7.80
N ASN B 89 -31.34 -1.36 -6.95
CA ASN B 89 -30.70 -0.43 -6.03
C ASN B 89 -29.56 0.16 -6.76
N CYS B 90 -29.50 1.48 -6.76
CA CYS B 90 -28.43 2.20 -7.40
C CYS B 90 -27.76 3.20 -6.45
N THR B 91 -26.45 3.38 -6.65
CA THR B 91 -25.65 4.25 -5.83
C THR B 91 -24.73 5.05 -6.72
N ILE B 92 -24.71 6.35 -6.49
CA ILE B 92 -23.77 7.21 -7.16
C ILE B 92 -22.97 7.89 -6.08
N PHE B 93 -21.66 7.65 -6.03
CA PHE B 93 -20.84 8.52 -5.21
C PHE B 93 -19.78 9.39 -5.87
N ALA B 94 -19.63 10.57 -5.27
CA ALA B 94 -18.67 11.57 -5.67
C ALA B 94 -17.39 11.43 -4.85
N TYR B 95 -16.26 11.14 -5.49
CA TYR B 95 -14.99 10.96 -4.79
C TYR B 95 -13.97 11.97 -5.31
N GLY B 96 -13.31 12.68 -4.42
CA GLY B 96 -12.26 13.61 -4.82
C GLY B 96 -11.86 14.63 -3.78
N GLN B 97 -10.83 15.41 -4.11
CA GLN B 97 -10.31 16.44 -3.27
C GLN B 97 -11.35 17.50 -2.90
N THR B 98 -11.27 17.95 -1.66
CA THR B 98 -12.04 19.07 -1.20
C THR B 98 -11.82 20.23 -2.13
N GLY B 99 -12.92 20.79 -2.63
CA GLY B 99 -12.91 21.97 -3.48
C GLY B 99 -12.97 21.68 -4.96
N THR B 100 -13.10 20.41 -5.31
CA THR B 100 -13.12 20.02 -6.70
C THR B 100 -14.54 20.00 -7.26
N GLY B 101 -15.55 19.82 -6.41
CA GLY B 101 -16.95 19.92 -6.86
C GLY B 101 -17.86 18.72 -6.63
N LYS B 102 -17.54 17.94 -5.60
CA LYS B 102 -18.41 16.85 -5.13
C LYS B 102 -19.80 17.30 -4.66
N THR B 103 -19.88 18.36 -3.87
CA THR B 103 -21.18 18.79 -3.35
C THR B 103 -21.94 19.55 -4.46
N PHE B 104 -21.22 20.40 -5.20
CA PHE B 104 -21.77 21.06 -6.42
C PHE B 104 -22.39 20.03 -7.39
N THR B 105 -21.76 18.89 -7.55
CA THR B 105 -22.28 17.87 -8.47
C THR B 105 -23.56 17.19 -7.92
N MET B 106 -23.47 16.66 -6.69
CA MET B 106 -24.54 15.87 -6.06
C MET B 106 -25.72 16.68 -5.56
N GLU B 107 -25.49 17.93 -5.20
CA GLU B 107 -26.52 18.77 -4.63
C GLU B 107 -26.69 20.00 -5.46
N GLY B 108 -25.54 20.64 -5.72
CA GLY B 108 -25.52 21.92 -6.42
C GLY B 108 -25.62 23.07 -5.44
N GLU B 109 -25.79 24.27 -5.99
CA GLU B 109 -25.97 25.47 -5.22
C GLU B 109 -27.23 26.19 -5.67
N ARG B 110 -27.66 27.15 -4.86
CA ARG B 110 -28.89 27.88 -5.08
C ARG B 110 -28.54 29.28 -5.57
N SER B 111 -29.24 29.73 -6.61
CA SER B 111 -28.94 31.00 -7.25
C SER B 111 -29.68 32.12 -6.54
N PRO B 112 -28.94 33.18 -6.15
CA PRO B 112 -29.45 34.30 -5.38
C PRO B 112 -30.78 34.94 -5.81
N ASN B 113 -31.34 35.65 -4.82
CA ASN B 113 -32.56 36.46 -4.90
C ASN B 113 -33.61 36.06 -5.96
N GLU B 114 -34.06 34.81 -5.87
CA GLU B 114 -35.22 34.31 -6.62
C GLU B 114 -35.22 34.77 -8.10
N GLU B 115 -34.12 34.44 -8.78
CA GLU B 115 -33.98 34.62 -10.23
C GLU B 115 -34.46 33.37 -10.97
N TYR B 116 -34.52 32.25 -10.26
CA TYR B 116 -34.96 30.98 -10.80
C TYR B 116 -35.72 30.26 -9.69
N THR B 117 -36.85 29.62 -10.04
CA THR B 117 -37.48 28.68 -9.11
C THR B 117 -36.49 27.56 -8.89
N TRP B 118 -36.51 26.92 -7.72
CA TRP B 118 -35.60 25.80 -7.47
C TRP B 118 -35.58 24.82 -8.65
N GLU B 119 -36.73 24.62 -9.27
CA GLU B 119 -36.81 23.66 -10.37
C GLU B 119 -36.07 24.10 -11.64
N GLU B 120 -35.98 25.41 -11.91
CA GLU B 120 -35.25 25.93 -13.08
C GLU B 120 -33.79 26.34 -12.82
N ASP B 121 -33.35 26.31 -11.57
CA ASP B 121 -32.02 26.83 -11.19
C ASP B 121 -30.88 26.12 -11.92
N PRO B 122 -30.13 26.84 -12.78
CA PRO B 122 -29.02 26.22 -13.51
C PRO B 122 -27.89 25.64 -12.64
N LEU B 123 -27.84 26.05 -11.37
CA LEU B 123 -26.86 25.54 -10.42
C LEU B 123 -27.39 24.30 -9.68
N ALA B 124 -28.68 24.00 -9.82
CA ALA B 124 -29.25 22.77 -9.28
C ALA B 124 -28.43 21.53 -9.69
N GLY B 125 -28.26 20.63 -8.74
CA GLY B 125 -27.43 19.44 -8.93
C GLY B 125 -28.32 18.23 -8.95
N ILE B 126 -27.72 17.07 -8.73
CA ILE B 126 -28.39 15.83 -9.02
C ILE B 126 -29.65 15.61 -8.17
N ILE B 127 -29.50 15.66 -6.86
CA ILE B 127 -30.58 15.42 -5.92
C ILE B 127 -31.84 16.20 -6.31
N PRO B 128 -31.75 17.52 -6.35
CA PRO B 128 -32.99 18.24 -6.60
C PRO B 128 -33.60 17.91 -7.94
N ARG B 129 -32.77 17.66 -8.95
CA ARG B 129 -33.27 17.37 -10.30
C ARG B 129 -33.97 16.00 -10.29
N THR B 130 -33.27 15.00 -9.75
CA THR B 130 -33.74 13.63 -9.69
C THR B 130 -35.07 13.57 -9.02
N LEU B 131 -35.23 14.33 -7.94
CA LEU B 131 -36.47 14.31 -7.20
C LEU B 131 -37.57 15.02 -7.95
N HIS B 132 -37.21 16.01 -8.76
CA HIS B 132 -38.22 16.62 -9.63
C HIS B 132 -38.71 15.58 -10.63
N GLN B 133 -37.75 14.90 -11.26
CA GLN B 133 -38.01 14.00 -12.40
C GLN B 133 -38.87 12.80 -12.02
N ILE B 134 -38.65 12.27 -10.82
CA ILE B 134 -39.40 11.13 -10.32
C ILE B 134 -40.90 11.39 -10.37
N PHE B 135 -41.35 12.57 -9.97
CA PHE B 135 -42.77 12.88 -10.02
C PHE B 135 -43.27 13.14 -11.43
N GLU B 136 -42.37 13.49 -12.35
CA GLU B 136 -42.75 13.66 -13.77
C GLU B 136 -42.84 12.30 -14.48
N LYS B 137 -41.79 11.49 -14.34
CA LYS B 137 -41.75 10.18 -14.99
C LYS B 137 -42.82 9.27 -14.44
N LEU B 138 -42.92 9.16 -13.13
CA LEU B 138 -43.89 8.24 -12.54
C LEU B 138 -45.34 8.69 -12.64
N THR B 139 -45.58 10.00 -12.65
CA THR B 139 -46.95 10.53 -12.60
C THR B 139 -47.81 10.21 -13.80
N ASP B 140 -47.21 10.09 -14.98
CA ASP B 140 -47.97 9.78 -16.19
C ASP B 140 -47.51 8.47 -16.88
N ASN B 141 -46.74 7.65 -16.16
CA ASN B 141 -46.25 6.36 -16.69
C ASN B 141 -47.08 5.14 -16.20
N GLY B 142 -48.34 5.36 -15.81
CA GLY B 142 -49.25 4.27 -15.42
C GLY B 142 -49.09 3.69 -14.00
N THR B 143 -48.00 4.03 -13.30
CA THR B 143 -47.72 3.50 -11.95
C THR B 143 -48.56 4.10 -10.82
N GLU B 144 -48.78 3.32 -9.75
CA GLU B 144 -49.20 3.84 -8.43
C GLU B 144 -48.02 3.67 -7.44
N PHE B 145 -47.54 4.77 -6.87
CA PHE B 145 -46.21 4.83 -6.25
C PHE B 145 -46.12 5.71 -4.97
N SER B 146 -45.03 5.50 -4.22
CA SER B 146 -44.71 6.36 -3.09
C SER B 146 -43.20 6.60 -3.05
N VAL B 147 -42.80 7.80 -2.64
CA VAL B 147 -41.40 8.21 -2.62
C VAL B 147 -41.06 8.58 -1.20
N LYS B 148 -39.96 8.04 -0.67
CA LYS B 148 -39.50 8.35 0.67
C LYS B 148 -38.04 8.68 0.61
N VAL B 149 -37.63 9.67 1.39
CA VAL B 149 -36.24 10.11 1.40
C VAL B 149 -35.65 10.23 2.80
N SER B 150 -34.34 10.00 2.90
CA SER B 150 -33.65 10.19 4.15
C SER B 150 -32.28 10.79 3.89
N LEU B 151 -31.82 11.64 4.79
CA LEU B 151 -30.50 12.28 4.67
C LEU B 151 -29.72 12.01 5.94
N LEU B 152 -28.64 11.26 5.77
CA LEU B 152 -27.81 10.79 6.87
C LEU B 152 -26.40 11.24 6.60
N GLU B 153 -25.71 11.79 7.58
CA GLU B 153 -24.28 12.12 7.39
C GLU B 153 -23.38 11.49 8.45
N ILE B 154 -22.19 11.14 8.02
CA ILE B 154 -21.25 10.41 8.84
C ILE B 154 -20.07 11.32 9.07
N TYR B 155 -19.73 11.54 10.34
CA TYR B 155 -18.54 12.31 10.71
C TYR B 155 -17.92 11.70 11.95
N ASN B 156 -16.61 11.43 11.90
CA ASN B 156 -15.90 10.87 13.06
C ASN B 156 -16.61 9.60 13.47
N GLU B 157 -16.99 8.79 12.50
CA GLU B 157 -17.71 7.53 12.73
C GLU B 157 -18.97 7.68 13.56
N GLU B 158 -19.59 8.83 13.45
CA GLU B 158 -20.82 9.06 14.15
C GLU B 158 -21.86 9.48 13.12
N LEU B 159 -23.13 9.27 13.45
CA LEU B 159 -24.22 9.28 12.46
C LEU B 159 -25.26 10.34 12.76
N PHE B 160 -25.36 11.32 11.86
CA PHE B 160 -26.25 12.45 12.08
C PHE B 160 -27.38 12.40 11.07
N ASP B 161 -28.59 12.65 11.54
CA ASP B 161 -29.78 12.71 10.72
C ASP B 161 -30.20 14.15 10.48
N LEU B 162 -30.18 14.56 9.23
CA LEU B 162 -30.49 15.95 8.91
C LEU B 162 -31.95 16.24 8.51
N LEU B 163 -32.77 15.20 8.35
CA LEU B 163 -34.18 15.43 8.00
C LEU B 163 -35.12 15.23 9.16
N ASN B 164 -34.60 14.67 10.24
CA ASN B 164 -35.34 14.68 11.47
C ASN B 164 -35.71 16.14 11.69
N PRO B 165 -36.98 16.52 11.40
CA PRO B 165 -37.38 17.91 11.69
C PRO B 165 -37.41 18.18 13.19
N SER B 166 -37.40 17.10 13.97
CA SER B 166 -37.54 17.18 15.41
C SER B 166 -36.57 16.29 16.19
N SER B 167 -35.33 16.69 16.20
CA SER B 167 -34.35 16.18 17.13
C SER B 167 -33.20 17.16 17.16
N ASP B 168 -32.50 17.22 18.27
CA ASP B 168 -31.22 17.92 18.33
C ASP B 168 -30.31 17.29 17.27
N VAL B 169 -29.67 18.09 16.41
CA VAL B 169 -28.77 17.49 15.40
C VAL B 169 -27.56 16.78 16.03
N SER B 170 -27.27 17.06 17.32
CA SER B 170 -26.17 16.42 18.03
C SER B 170 -26.60 15.10 18.66
N GLU B 171 -27.89 14.76 18.52
CA GLU B 171 -28.39 13.39 18.80
C GLU B 171 -28.03 12.45 17.68
N ARG B 172 -27.03 11.61 17.94
CA ARG B 172 -26.46 10.73 16.93
C ARG B 172 -27.13 9.35 16.95
N LEU B 173 -27.23 8.71 15.78
CA LEU B 173 -27.97 7.45 15.68
C LEU B 173 -27.10 6.20 15.73
N GLN B 174 -27.78 5.06 15.90
CA GLN B 174 -27.15 3.72 15.93
C GLN B 174 -27.47 2.88 14.70
N MET B 175 -26.66 1.84 14.54
CA MET B 175 -26.68 1.00 13.38
C MET B 175 -26.56 -0.47 13.79
N PHE B 176 -27.39 -1.32 13.19
CA PHE B 176 -27.25 -2.76 13.40
C PHE B 176 -27.57 -3.46 12.10
N ASP B 177 -27.25 -4.75 12.05
CA ASP B 177 -27.35 -5.53 10.81
C ASP B 177 -28.81 -5.87 10.49
N ASP B 178 -29.21 -5.63 9.24
CA ASP B 178 -30.60 -5.79 8.82
C ASP B 178 -30.99 -7.27 8.76
N PRO B 179 -31.99 -7.69 9.58
CA PRO B 179 -32.40 -9.10 9.63
C PRO B 179 -32.92 -9.68 8.29
N ARG B 180 -33.26 -8.79 7.36
CA ARG B 180 -33.85 -9.14 6.07
C ARG B 180 -32.97 -8.66 4.90
N ASN B 181 -31.65 -8.65 5.08
CA ASN B 181 -30.71 -8.26 4.01
C ASN B 181 -29.28 -8.48 4.47
N LYS B 182 -28.68 -9.60 4.07
CA LYS B 182 -27.35 -9.96 4.54
C LYS B 182 -26.28 -8.90 4.24
N ARG B 183 -26.53 -7.99 3.31
CA ARG B 183 -25.50 -7.04 2.89
C ARG B 183 -25.82 -5.58 3.24
N GLY B 184 -26.85 -5.36 4.07
CA GLY B 184 -27.24 -4.01 4.49
C GLY B 184 -27.38 -3.85 5.99
N VAL B 185 -27.76 -2.65 6.42
CA VAL B 185 -27.94 -2.34 7.84
C VAL B 185 -29.21 -1.53 8.00
N ILE B 186 -29.65 -1.37 9.23
CA ILE B 186 -30.72 -0.41 9.51
C ILE B 186 -30.19 0.64 10.47
N ILE B 187 -30.49 1.88 10.15
CA ILE B 187 -30.18 3.03 10.99
C ILE B 187 -31.37 3.25 11.94
N LYS B 188 -31.26 2.84 13.20
CA LYS B 188 -32.35 2.97 14.20
C LYS B 188 -32.73 4.42 14.38
N GLY B 189 -34.01 4.74 14.14
CA GLY B 189 -34.48 6.10 14.29
C GLY B 189 -34.32 7.00 13.07
N LEU B 190 -33.53 6.63 12.06
CA LEU B 190 -33.39 7.48 10.84
C LEU B 190 -34.75 7.87 10.24
N GLU B 191 -34.95 9.18 10.08
CA GLU B 191 -36.21 9.66 9.57
C GLU B 191 -36.24 9.42 8.07
N GLU B 192 -37.37 8.88 7.63
CA GLU B 192 -37.67 8.72 6.24
C GLU B 192 -38.91 9.54 5.98
N ILE B 193 -38.76 10.60 5.19
CA ILE B 193 -39.87 11.47 4.91
C ILE B 193 -40.59 11.07 3.63
N THR B 194 -41.91 10.94 3.71
CA THR B 194 -42.73 10.70 2.53
C THR B 194 -42.92 12.01 1.74
N VAL B 195 -42.55 11.99 0.46
CA VAL B 195 -42.67 13.15 -0.41
C VAL B 195 -43.90 12.98 -1.27
N HIS B 196 -44.94 13.75 -1.01
CA HIS B 196 -46.22 13.50 -1.68
C HIS B 196 -46.38 14.07 -3.10
N ASN B 197 -45.44 14.88 -3.55
CA ASN B 197 -45.48 15.55 -4.86
C ASN B 197 -44.32 16.53 -4.91
N LYS B 198 -44.07 17.14 -6.06
CA LYS B 198 -42.85 17.97 -6.23
C LYS B 198 -42.80 19.24 -5.37
N ASP B 199 -43.98 19.72 -4.93
CA ASP B 199 -44.07 20.92 -4.05
C ASP B 199 -43.45 20.71 -2.67
N GLU B 200 -43.54 19.49 -2.14
CA GLU B 200 -43.00 19.21 -0.81
C GLU B 200 -41.48 19.02 -0.82
N VAL B 201 -40.87 18.97 -1.99
CA VAL B 201 -39.46 18.60 -2.12
C VAL B 201 -38.49 19.66 -1.59
N TYR B 202 -38.74 20.93 -1.94
CA TYR B 202 -37.81 22.02 -1.60
C TYR B 202 -37.73 22.15 -0.08
N GLN B 203 -38.89 22.30 0.55
CA GLN B 203 -38.99 22.44 2.00
C GLN B 203 -38.17 21.37 2.67
N ILE B 204 -38.36 20.13 2.26
CA ILE B 204 -37.66 19.03 2.87
C ILE B 204 -36.15 19.17 2.72
N LEU B 205 -35.67 19.57 1.54
CA LEU B 205 -34.22 19.65 1.30
C LEU B 205 -33.61 20.91 1.92
N GLU B 206 -34.37 21.99 1.91
CA GLU B 206 -33.98 23.23 2.56
C GLU B 206 -33.70 22.95 4.05
N LYS B 207 -34.68 22.36 4.72
CA LYS B 207 -34.56 21.98 6.12
C LYS B 207 -33.36 21.10 6.31
N GLY B 208 -33.14 20.20 5.37
CA GLY B 208 -31.98 19.35 5.42
C GLY B 208 -30.70 20.14 5.46
N ALA B 209 -30.60 21.15 4.58
CA ALA B 209 -29.35 21.94 4.47
C ALA B 209 -29.14 22.90 5.64
N ALA B 210 -30.24 23.37 6.22
CA ALA B 210 -30.24 24.17 7.43
C ALA B 210 -29.65 23.45 8.66
N LYS B 211 -30.07 22.21 8.84
CA LYS B 211 -29.58 21.42 9.95
C LYS B 211 -28.10 21.22 9.77
N ARG B 212 -27.66 20.98 8.55
CA ARG B 212 -26.23 20.84 8.31
C ARG B 212 -25.42 22.04 8.85
N THR B 213 -25.94 23.24 8.68
CA THR B 213 -25.19 24.44 9.03
C THR B 213 -24.90 24.42 10.53
N THR B 214 -25.94 24.01 11.28
CA THR B 214 -25.90 23.76 12.71
C THR B 214 -24.87 22.72 13.09
N ALA B 215 -24.84 21.60 12.36
CA ALA B 215 -23.84 20.57 12.56
C ALA B 215 -22.45 21.10 12.34
N ALA B 216 -22.31 22.05 11.42
CA ALA B 216 -20.99 22.57 11.09
C ALA B 216 -20.42 23.39 12.23
N THR B 217 -21.28 24.11 12.93
CA THR B 217 -20.79 24.94 14.04
C THR B 217 -20.22 24.07 15.17
N LEU B 218 -20.64 22.79 15.26
CA LEU B 218 -20.22 21.92 16.36
C LEU B 218 -18.97 21.14 16.07
N MET B 219 -18.71 20.85 14.81
CA MET B 219 -17.60 19.97 14.48
C MET B 219 -16.60 20.67 13.56
N ASN B 220 -15.32 20.37 13.75
CA ASN B 220 -14.23 20.92 12.92
C ASN B 220 -14.26 20.48 11.48
N ALA B 221 -14.14 21.43 10.55
CA ALA B 221 -13.96 21.10 9.12
C ALA B 221 -14.97 20.05 8.67
N TYR B 222 -16.22 20.26 9.07
CA TYR B 222 -17.27 19.27 8.90
C TYR B 222 -17.60 18.93 7.45
N SER B 223 -17.65 19.94 6.58
CA SER B 223 -17.95 19.70 5.19
C SER B 223 -16.97 18.75 4.55
N SER B 224 -15.69 19.05 4.71
CA SER B 224 -14.65 18.24 4.06
C SER B 224 -14.51 16.86 4.66
N ARG B 225 -14.81 16.72 5.95
CA ARG B 225 -14.67 15.42 6.59
C ARG B 225 -15.96 14.64 6.69
N SER B 226 -17.10 15.28 6.47
CA SER B 226 -18.38 14.58 6.51
C SER B 226 -18.56 13.80 5.21
N HIS B 227 -19.08 12.58 5.36
CA HIS B 227 -19.69 11.82 4.28
C HIS B 227 -21.20 12.13 4.34
N SER B 228 -21.82 12.38 3.20
CA SER B 228 -23.26 12.60 3.14
C SER B 228 -23.95 11.53 2.28
N VAL B 229 -24.94 10.85 2.86
CA VAL B 229 -25.74 9.81 2.18
C VAL B 229 -27.22 10.22 2.06
N PHE B 230 -27.63 10.68 0.87
CA PHE B 230 -29.05 10.95 0.59
C PHE B 230 -29.72 9.77 -0.12
N SER B 231 -30.73 9.16 0.51
CA SER B 231 -31.40 8.00 -0.07
C SER B 231 -32.83 8.31 -0.50
N VAL B 232 -33.13 8.04 -1.77
CA VAL B 232 -34.52 8.02 -2.22
C VAL B 232 -34.93 6.56 -2.48
N THR B 233 -36.17 6.24 -2.14
CA THR B 233 -36.70 4.90 -2.19
C THR B 233 -38.07 4.99 -2.85
N ILE B 234 -38.31 4.23 -3.91
CA ILE B 234 -39.60 4.29 -4.59
C ILE B 234 -40.29 2.95 -4.53
N HIS B 235 -41.48 2.94 -3.94
CA HIS B 235 -42.35 1.77 -3.92
C HIS B 235 -43.30 1.93 -5.08
N MET B 236 -43.43 0.89 -5.90
CA MET B 236 -44.28 0.94 -7.08
C MET B 236 -45.08 -0.34 -7.13
N LYS B 237 -46.41 -0.19 -7.18
CA LYS B 237 -47.28 -1.33 -7.18
C LYS B 237 -48.13 -1.29 -8.43
N GLU B 238 -48.48 -2.48 -8.89
CA GLU B 238 -48.87 -2.67 -10.27
C GLU B 238 -49.64 -3.97 -10.37
N THR B 239 -50.49 -4.08 -11.38
CA THR B 239 -51.30 -5.28 -11.56
C THR B 239 -50.99 -5.94 -12.92
N THR B 240 -50.73 -7.25 -12.91
CA THR B 240 -50.35 -7.97 -14.13
C THR B 240 -51.57 -8.44 -14.90
N ILE B 241 -51.35 -8.95 -16.12
CA ILE B 241 -52.46 -9.41 -16.97
C ILE B 241 -53.11 -10.68 -16.39
N ASP B 242 -52.27 -11.47 -15.72
CA ASP B 242 -52.69 -12.68 -15.03
C ASP B 242 -53.55 -12.36 -13.81
N GLY B 243 -53.44 -11.12 -13.33
CA GLY B 243 -54.30 -10.61 -12.26
C GLY B 243 -53.60 -10.58 -10.94
N GLU B 244 -52.27 -10.64 -10.94
CA GLU B 244 -51.50 -10.56 -9.70
C GLU B 244 -51.16 -9.11 -9.37
N GLU B 245 -50.40 -8.94 -8.30
CA GLU B 245 -50.12 -7.64 -7.72
C GLU B 245 -48.61 -7.53 -7.55
N LEU B 246 -47.93 -6.99 -8.56
CA LEU B 246 -46.47 -6.91 -8.59
C LEU B 246 -46.04 -5.67 -7.85
N VAL B 247 -45.10 -5.84 -6.93
CA VAL B 247 -44.50 -4.71 -6.23
C VAL B 247 -43.01 -4.68 -6.53
N LYS B 248 -42.48 -3.48 -6.76
CA LYS B 248 -41.04 -3.32 -6.92
C LYS B 248 -40.60 -2.06 -6.22
N ILE B 249 -39.40 -2.16 -5.66
CA ILE B 249 -38.87 -1.15 -4.78
C ILE B 249 -37.54 -0.65 -5.35
N GLY B 250 -37.54 0.59 -5.86
CA GLY B 250 -36.34 1.23 -6.32
C GLY B 250 -35.69 1.95 -5.14
N LYS B 251 -34.37 1.95 -5.10
CA LYS B 251 -33.66 2.72 -4.09
C LYS B 251 -32.42 3.35 -4.71
N LEU B 252 -32.28 4.65 -4.53
CA LEU B 252 -31.15 5.36 -5.10
C LEU B 252 -30.39 6.02 -3.98
N ASN B 253 -29.10 5.70 -3.91
CA ASN B 253 -28.20 6.26 -2.93
C ASN B 253 -27.26 7.26 -3.58
N LEU B 254 -27.40 8.53 -3.20
CA LEU B 254 -26.60 9.63 -3.73
C LEU B 254 -25.57 10.08 -2.69
N VAL B 255 -24.32 9.62 -2.82
CA VAL B 255 -23.33 9.79 -1.76
C VAL B 255 -22.27 10.82 -2.14
N ASP B 256 -22.10 11.81 -1.24
CA ASP B 256 -21.07 12.86 -1.33
C ASP B 256 -20.01 12.57 -0.28
N LEU B 257 -18.84 12.14 -0.73
CA LEU B 257 -17.86 11.60 0.20
C LEU B 257 -16.95 12.68 0.76
N ALA B 258 -16.26 12.31 1.83
CA ALA B 258 -15.25 13.15 2.43
C ALA B 258 -14.08 13.27 1.42
N GLY B 259 -13.42 14.42 1.39
CA GLY B 259 -12.29 14.72 0.52
C GLY B 259 -11.17 13.68 0.58
N SER B 260 -10.77 13.25 -0.61
CA SER B 260 -9.70 12.27 -0.80
C SER B 260 -8.44 12.63 -0.06
N GLU B 261 -8.18 13.94 0.06
CA GLU B 261 -6.94 14.40 0.71
C GLU B 261 -6.75 13.95 2.16
N ASN B 262 -7.84 13.68 2.87
CA ASN B 262 -7.74 13.49 4.33
C ASN B 262 -6.84 12.32 4.71
N ASN B 278 -9.26 8.07 14.24
CA ASN B 278 -10.73 7.83 14.09
C ASN B 278 -11.55 8.81 13.20
N ILE B 279 -11.03 10.00 12.94
CA ILE B 279 -11.76 11.00 12.16
C ILE B 279 -11.94 10.56 10.70
N ASN B 280 -10.95 9.81 10.19
CA ASN B 280 -10.82 9.41 8.77
C ASN B 280 -11.04 7.91 8.53
N GLN B 281 -11.53 7.21 9.54
CA GLN B 281 -11.69 5.77 9.51
C GLN B 281 -12.49 5.27 8.29
N SER B 282 -13.57 5.97 7.96
CA SER B 282 -14.48 5.53 6.92
C SER B 282 -13.88 5.77 5.55
N LEU B 283 -13.12 6.82 5.39
CA LEU B 283 -12.43 7.04 4.14
C LEU B 283 -11.29 6.03 4.00
N LEU B 284 -10.53 5.81 5.07
CA LEU B 284 -9.46 4.83 5.02
C LEU B 284 -9.98 3.45 4.64
N THR B 285 -11.08 3.05 5.28
CA THR B 285 -11.66 1.74 5.12
C THR B 285 -12.24 1.54 3.70
N LEU B 286 -12.85 2.58 3.15
CA LEU B 286 -13.32 2.59 1.76
C LEU B 286 -12.20 2.24 0.80
N GLY B 287 -11.02 2.79 1.04
CA GLY B 287 -9.84 2.47 0.26
C GLY B 287 -9.46 1.04 0.39
N ARG B 288 -9.45 0.55 1.63
CA ARG B 288 -9.06 -0.83 1.90
C ARG B 288 -10.02 -1.86 1.27
N VAL B 289 -11.31 -1.53 1.26
CA VAL B 289 -12.33 -2.33 0.61
C VAL B 289 -12.10 -2.41 -0.90
N ILE B 290 -11.90 -1.24 -1.51
CA ILE B 290 -11.68 -1.15 -2.95
C ILE B 290 -10.42 -1.94 -3.32
N THR B 291 -9.36 -1.75 -2.54
CA THR B 291 -8.08 -2.46 -2.78
C THR B 291 -8.30 -3.95 -2.70
N ALA B 292 -8.98 -4.39 -1.66
CA ALA B 292 -9.26 -5.80 -1.50
C ALA B 292 -10.03 -6.37 -2.69
N LEU B 293 -11.16 -5.73 -3.02
CA LEU B 293 -11.98 -6.16 -4.11
C LEU B 293 -11.19 -6.35 -5.39
N VAL B 294 -10.51 -5.31 -5.85
CA VAL B 294 -9.88 -5.40 -7.16
C VAL B 294 -8.76 -6.43 -7.14
N GLU B 295 -8.08 -6.59 -6.01
CA GLU B 295 -6.98 -7.56 -5.91
C GLU B 295 -7.48 -8.95 -5.52
N ARG B 296 -8.79 -9.11 -5.44
CA ARG B 296 -9.44 -10.41 -5.21
C ARG B 296 -8.92 -11.10 -3.94
N THR B 297 -8.99 -10.41 -2.81
CA THR B 297 -8.51 -10.96 -1.53
C THR B 297 -9.70 -11.43 -0.71
N PRO B 298 -9.50 -12.43 0.14
CA PRO B 298 -10.67 -13.07 0.74
C PRO B 298 -11.45 -12.09 1.60
N HIS B 299 -10.75 -11.36 2.48
CA HIS B 299 -11.40 -10.44 3.41
C HIS B 299 -11.57 -9.07 2.85
N VAL B 300 -12.80 -8.70 2.56
CA VAL B 300 -13.15 -7.30 2.30
C VAL B 300 -13.70 -6.74 3.61
N PRO B 301 -12.94 -5.86 4.28
CA PRO B 301 -13.34 -5.38 5.61
C PRO B 301 -14.47 -4.33 5.59
N TYR B 302 -15.63 -4.67 5.03
CA TYR B 302 -16.81 -3.81 5.10
C TYR B 302 -17.12 -3.38 6.54
N ARG B 303 -16.92 -4.28 7.48
CA ARG B 303 -17.44 -4.09 8.83
C ARG B 303 -16.61 -3.07 9.61
N GLU B 304 -15.38 -2.80 9.18
CA GLU B 304 -14.49 -1.83 9.85
C GLU B 304 -14.83 -0.31 9.73
N SER B 305 -15.98 0.06 9.17
CA SER B 305 -16.36 1.47 9.16
C SER B 305 -17.85 1.66 8.89
N LYS B 306 -18.41 2.77 9.36
CA LYS B 306 -19.88 3.02 9.20
C LYS B 306 -20.22 3.09 7.73
N LEU B 307 -19.39 3.83 6.98
CA LEU B 307 -19.62 4.04 5.54
C LEU B 307 -19.69 2.76 4.73
N THR B 308 -18.65 1.93 4.88
CA THR B 308 -18.52 0.71 4.12
C THR B 308 -19.52 -0.34 4.61
N ARG B 309 -19.92 -0.28 5.88
CA ARG B 309 -21.06 -1.09 6.37
C ARG B 309 -22.37 -0.66 5.67
N ILE B 310 -22.51 0.64 5.49
CA ILE B 310 -23.70 1.21 4.88
C ILE B 310 -23.74 0.88 3.36
N LEU B 311 -22.59 0.95 2.70
CA LEU B 311 -22.51 0.77 1.26
C LEU B 311 -21.98 -0.57 0.86
N GLN B 312 -21.94 -1.51 1.79
CA GLN B 312 -21.37 -2.81 1.49
C GLN B 312 -21.86 -3.35 0.15
N ASP B 313 -23.16 -3.20 -0.12
CA ASP B 313 -23.78 -3.81 -1.28
C ASP B 313 -23.47 -3.03 -2.55
N SER B 314 -23.16 -1.75 -2.39
CA SER B 314 -22.74 -0.91 -3.50
C SER B 314 -21.36 -1.23 -4.02
N LEU B 315 -20.64 -2.14 -3.39
CA LEU B 315 -19.22 -2.33 -3.66
C LEU B 315 -18.89 -3.79 -3.77
N GLY B 316 -19.31 -4.39 -4.87
CA GLY B 316 -19.14 -5.83 -5.08
C GLY B 316 -20.37 -6.64 -4.70
N GLY B 317 -21.50 -5.98 -4.54
CA GLY B 317 -22.73 -6.65 -4.13
C GLY B 317 -23.79 -6.53 -5.19
N ARG B 318 -25.06 -6.43 -4.76
CA ARG B 318 -26.21 -6.50 -5.64
C ARG B 318 -26.76 -5.14 -6.13
N THR B 319 -25.91 -4.10 -6.08
CA THR B 319 -26.32 -2.72 -6.36
C THR B 319 -25.69 -2.31 -7.70
N ARG B 320 -26.32 -1.39 -8.43
CA ARG B 320 -25.67 -0.81 -9.60
C ARG B 320 -24.97 0.49 -9.23
N THR B 321 -23.64 0.47 -9.26
CA THR B 321 -22.84 1.58 -8.74
C THR B 321 -22.10 2.41 -9.79
N SER B 322 -22.20 3.72 -9.63
CA SER B 322 -21.41 4.64 -10.43
C SER B 322 -20.67 5.59 -9.50
N ILE B 323 -19.44 5.93 -9.85
CA ILE B 323 -18.61 6.90 -9.13
C ILE B 323 -18.36 8.07 -10.05
N ILE B 324 -18.38 9.28 -9.51
CA ILE B 324 -18.02 10.49 -10.27
C ILE B 324 -16.82 11.05 -9.54
N ALA B 325 -15.63 10.85 -10.11
CA ALA B 325 -14.38 11.35 -9.52
C ALA B 325 -14.22 12.79 -9.97
N THR B 326 -14.06 13.73 -9.04
CA THR B 326 -13.95 15.14 -9.39
C THR B 326 -12.51 15.59 -9.19
N ILE B 327 -12.02 16.41 -10.14
CA ILE B 327 -10.60 16.80 -10.19
C ILE B 327 -10.41 18.30 -10.43
N SER B 328 -9.24 18.82 -10.06
CA SER B 328 -8.85 20.19 -10.40
C SER B 328 -8.00 20.19 -11.66
N PRO B 329 -8.03 21.31 -12.40
CA PRO B 329 -7.19 21.42 -13.60
C PRO B 329 -5.84 22.08 -13.31
N ALA B 330 -5.54 22.36 -12.04
CA ALA B 330 -4.40 23.22 -11.68
C ALA B 330 -3.19 22.48 -11.14
N SER B 331 -1.99 23.05 -11.33
CA SER B 331 -0.73 22.46 -10.81
C SER B 331 -0.65 22.37 -9.28
N LEU B 332 -1.39 23.25 -8.61
CA LEU B 332 -1.40 23.35 -7.16
C LEU B 332 -1.89 22.04 -6.56
N ASN B 333 -2.83 21.40 -7.25
CA ASN B 333 -3.52 20.23 -6.76
C ASN B 333 -3.28 19.05 -7.66
N LEU B 334 -2.22 19.14 -8.42
CA LEU B 334 -1.85 18.07 -9.36
C LEU B 334 -1.77 16.69 -8.69
N GLU B 335 -1.10 16.62 -7.55
CA GLU B 335 -0.84 15.32 -6.90
C GLU B 335 -2.15 14.65 -6.46
N GLU B 336 -3.10 15.45 -5.94
CA GLU B 336 -4.41 14.94 -5.49
C GLU B 336 -5.24 14.54 -6.70
N THR B 337 -5.16 15.35 -7.77
CA THR B 337 -5.76 15.00 -9.05
C THR B 337 -5.23 13.64 -9.55
N LEU B 338 -3.92 13.45 -9.63
CA LEU B 338 -3.39 12.15 -10.03
C LEU B 338 -3.85 11.00 -9.14
N SER B 339 -3.70 11.18 -7.83
CA SER B 339 -4.24 10.25 -6.84
C SER B 339 -5.65 9.88 -7.13
N THR B 340 -6.49 10.91 -7.30
CA THR B 340 -7.91 10.73 -7.55
C THR B 340 -8.14 9.93 -8.83
N LEU B 341 -7.34 10.21 -9.85
CA LEU B 341 -7.47 9.48 -11.09
C LEU B 341 -7.03 8.03 -10.88
N GLU B 342 -5.87 7.78 -10.26
CA GLU B 342 -5.42 6.40 -10.09
C GLU B 342 -6.43 5.62 -9.27
N TYR B 343 -7.00 6.29 -8.28
CA TYR B 343 -7.86 5.65 -7.34
C TYR B 343 -9.21 5.31 -7.98
N ALA B 344 -9.81 6.24 -8.71
CA ALA B 344 -11.09 5.96 -9.36
C ALA B 344 -10.91 4.94 -10.49
N HIS B 345 -9.75 4.96 -11.11
CA HIS B 345 -9.51 4.14 -12.29
C HIS B 345 -9.43 2.63 -11.95
N ARG B 346 -8.81 2.30 -10.81
CA ARG B 346 -8.79 0.91 -10.38
C ARG B 346 -10.20 0.41 -10.02
N ALA B 347 -11.11 1.32 -9.63
CA ALA B 347 -12.48 0.95 -9.23
C ALA B 347 -13.38 0.44 -10.35
N LYS B 348 -13.00 0.66 -11.60
CA LYS B 348 -13.70 0.10 -12.74
C LYS B 348 -13.64 -1.42 -12.70
N ASN B 349 -12.54 -1.97 -12.19
CA ASN B 349 -12.41 -3.41 -12.08
C ASN B 349 -13.35 -4.16 -11.14
N ILE B 350 -14.01 -3.46 -10.22
CA ILE B 350 -14.92 -4.12 -9.27
C ILE B 350 -16.17 -4.56 -10.02
N LEU B 351 -16.58 -5.81 -9.84
CA LEU B 351 -17.80 -6.34 -10.44
C LEU B 351 -18.94 -6.47 -9.42
N ASN B 352 -20.05 -5.82 -9.73
CA ASN B 352 -21.31 -6.05 -9.03
C ASN B 352 -22.24 -7.03 -9.78
N LYS B 353 -23.19 -7.58 -9.05
CA LYS B 353 -24.22 -8.47 -9.57
C LYS B 353 -25.57 -7.82 -9.28
N PRO B 354 -26.04 -6.92 -10.13
CA PRO B 354 -27.32 -6.28 -9.78
C PRO B 354 -28.52 -7.22 -9.84
N GLU B 355 -29.54 -6.93 -9.03
CA GLU B 355 -30.77 -7.74 -8.91
C GLU B 355 -31.91 -6.86 -8.39
N VAL B 356 -33.15 -7.10 -8.81
CA VAL B 356 -34.27 -6.15 -8.61
C VAL B 356 -35.20 -6.51 -7.42
N ASN B 357 -36.15 -5.62 -7.12
CA ASN B 357 -37.18 -5.80 -6.05
C ASN B 357 -36.52 -5.51 -4.69
PB ADP C . 22.80 -6.30 -6.66
O1B ADP C . 23.43 -7.60 -6.15
O2B ADP C . 22.17 -5.39 -5.67
O3B ADP C . 21.88 -6.51 -7.86
PA ADP C . 25.43 -5.91 -7.60
O1A ADP C . 25.46 -6.87 -8.73
O2A ADP C . 26.17 -6.29 -6.34
O3A ADP C . 23.94 -5.36 -7.26
O5' ADP C . 26.10 -4.56 -8.12
C5' ADP C . 25.60 -3.81 -9.22
C4' ADP C . 26.81 -3.13 -9.87
O4' ADP C . 27.09 -1.89 -9.20
C3' ADP C . 28.07 -3.99 -9.81
O3' ADP C . 28.82 -3.90 -11.00
C2' ADP C . 28.94 -3.32 -8.80
O2' ADP C . 30.30 -3.40 -9.18
C1' ADP C . 28.44 -1.89 -8.77
N9 ADP C . 28.41 -1.37 -7.40
C8 ADP C . 27.47 -1.71 -6.49
N7 ADP C . 27.65 -1.08 -5.32
C5 ADP C . 28.74 -0.32 -5.49
C6 ADP C . 29.45 0.58 -4.62
N6 ADP C . 28.99 0.71 -3.39
N1 ADP C . 30.57 1.19 -5.12
C2 ADP C . 31.01 1.00 -6.39
N3 ADP C . 30.38 0.16 -7.25
C4 ADP C . 29.26 -0.52 -6.85
MG MG D . 23.28 -9.49 -6.88
O2 5C5 E . 30.63 -14.21 -8.14
C 5C5 E . 30.14 -13.41 -7.36
O 5C5 E . 28.82 -13.38 -7.19
C1 5C5 E . 31.01 -12.49 -6.58
N 5C5 E . 30.21 -11.55 -5.78
C2 5C5 E . 31.84 -13.34 -5.67
S 5C5 E . 33.30 -12.48 -5.24
C3 5C5 E . 34.45 -13.53 -4.29
C18 5C5 E . 33.52 -14.17 -3.32
C24 5C5 E . 32.94 -15.41 -3.57
C23 5C5 E . 32.01 -15.92 -2.68
C21 5C5 E . 31.61 -15.21 -1.56
O1 5C5 E . 30.70 -15.71 -0.68
C22 5C5 E . 29.66 -16.58 -1.06
C20 5C5 E . 32.15 -13.96 -1.30
C19 5C5 E . 33.10 -13.43 -2.19
C17 5C5 E . 35.21 -14.41 -5.25
C16 5C5 E . 35.12 -14.16 -6.62
C15 5C5 E . 35.83 -14.90 -7.54
C14 5C5 E . 36.68 -15.92 -7.12
C13 5C5 E . 36.83 -16.21 -5.76
C12 5C5 E . 36.14 -15.49 -4.79
C11 5C5 E . 36.36 -15.93 -3.38
C10 5C5 E . 36.47 -14.88 -2.28
C9 5C5 E . 36.57 -13.45 -2.71
C4 5C5 E . 35.58 -12.79 -3.63
C8 5C5 E . 37.60 -12.73 -2.15
C7 5C5 E . 37.75 -11.39 -2.46
C6 5C5 E . 36.86 -10.76 -3.32
C5 5C5 E . 35.81 -11.44 -3.92
S SO4 F . 23.27 12.28 -23.53
O1 SO4 F . 23.89 11.31 -24.41
O2 SO4 F . 24.17 13.46 -23.51
O3 SO4 F . 21.99 12.86 -23.99
O4 SO4 F . 23.03 11.55 -22.30
PB ADP G . -16.26 19.88 -2.60
O1B ADP G . -15.53 18.78 -3.27
O2B ADP G . -17.57 19.52 -1.93
O3B ADP G . -15.35 20.57 -1.62
PA ADP G . -17.71 22.12 -3.69
O1A ADP G . -18.97 21.55 -4.28
O2A ADP G . -17.72 22.64 -2.27
O3A ADP G . -16.54 20.98 -3.75
O5' ADP G . -17.15 23.23 -4.70
C5' ADP G . -16.07 24.06 -4.32
C4' ADP G . -16.24 25.43 -4.96
O4' ADP G . -15.97 25.31 -6.37
C3' ADP G . -17.64 26.00 -4.87
O3' ADP G . -17.48 27.41 -4.87
C2' ADP G . -18.31 25.55 -6.17
O2' ADP G . -19.39 26.36 -6.60
C1' ADP G . -17.15 25.58 -7.15
N9 ADP G . -17.29 24.52 -8.19
C8 ADP G . -17.18 23.18 -7.99
N7 ADP G . -17.40 22.51 -9.14
C5 ADP G . -17.66 23.43 -10.07
C6 ADP G . -17.99 23.41 -11.47
N6 ADP G . -18.07 22.23 -12.10
N1 ADP G . -18.20 24.58 -12.09
C2 ADP G . -18.12 25.77 -11.47
N3 ADP G . -17.83 25.88 -10.18
C4 ADP G . -17.60 24.75 -9.45
MG MG H . -17.57 19.67 0.29
O2 5C5 I . -24.68 22.34 1.00
C 5C5 I . -25.51 23.18 0.67
O 5C5 I . -25.96 24.04 1.58
C1 5C5 I . -26.01 23.29 -0.75
N 5C5 I . -25.22 22.37 -1.58
C2 5C5 I . -27.49 22.93 -0.85
S 5C5 I . -28.28 23.55 -2.32
C3 5C5 I . -30.03 23.21 -2.31
C18 5C5 I . -30.00 21.78 -1.80
C24 5C5 I . -29.79 20.71 -2.70
C23 5C5 I . -29.67 19.40 -2.25
C21 5C5 I . -29.76 19.14 -0.90
O1 5C5 I . -29.66 17.86 -0.48
C22 5C5 I . -29.09 17.54 0.79
C20 5C5 I . -29.94 20.20 0.02
C19 5C5 I . -30.05 21.51 -0.42
C17 5C5 I . -30.72 24.26 -1.51
C16 5C5 I . -30.06 25.44 -1.16
C15 5C5 I . -30.71 26.44 -0.44
C14 5C5 I . -32.04 26.30 -0.07
C13 5C5 I . -32.75 25.16 -0.41
C12 5C5 I . -32.15 24.14 -1.14
C11 5C5 I . -33.01 22.91 -1.45
C10 5C5 I . -32.95 22.32 -2.86
C9 5C5 I . -32.11 23.00 -3.89
C4 5C5 I . -30.69 23.41 -3.67
C8 5C5 I . -32.68 23.23 -5.14
C7 5C5 I . -31.97 23.84 -6.17
C6 5C5 I . -30.65 24.23 -5.95
C5 5C5 I . -30.03 24.02 -4.72
S SO4 J . 0.64 36.86 -10.21
O1 SO4 J . 0.40 35.57 -9.52
O2 SO4 J . 1.83 36.76 -11.08
O3 SO4 J . 0.86 37.95 -9.22
O4 SO4 J . -0.50 37.21 -11.09
#